data_7JQT
# 
_entry.id   7JQT 
# 
_audit_conform.dict_name       mmcif_pdbx.dic 
_audit_conform.dict_version    5.380 
_audit_conform.dict_location   http://mmcif.pdb.org/dictionaries/ascii/mmcif_pdbx.dic 
# 
loop_
_database_2.database_id 
_database_2.database_code 
_database_2.pdbx_database_accession 
_database_2.pdbx_DOI 
PDB   7JQT         pdb_00007jqt 10.2210/pdb7jqt/pdb 
WWPDB D_1000251239 ?            ?                   
# 
_pdbx_database_status.status_code                     REL 
_pdbx_database_status.status_code_sf                  REL 
_pdbx_database_status.status_code_mr                  ? 
_pdbx_database_status.entry_id                        7JQT 
_pdbx_database_status.recvd_initial_deposition_date   2020-08-11 
_pdbx_database_status.SG_entry                        N 
_pdbx_database_status.deposit_site                    RCSB 
_pdbx_database_status.process_site                    RCSB 
_pdbx_database_status.status_code_cs                  ? 
_pdbx_database_status.status_code_nmr_data            ? 
_pdbx_database_status.methods_development_category    ? 
_pdbx_database_status.pdb_format_compatible           Y 
# 
loop_
_audit_author.name 
_audit_author.pdbx_ordinal 
_audit_author.identifier_ORCID 
'Kreutzer, A.G.' 1 0000-0002-9724-6298 
'McKnelly, K.J.' 2 0000-0003-0063-6423 
'Nowick, J.S.'   3 0000-0002-2273-1029 
# 
_citation.abstract                  ? 
_citation.abstract_id_CAS           ? 
_citation.book_id_ISBN              ? 
_citation.book_publisher            ? 
_citation.book_publisher_city       ? 
_citation.book_title                ? 
_citation.coordinate_linkage        ? 
_citation.country                   US 
_citation.database_id_Medline       ? 
_citation.details                   ? 
_citation.id                        primary 
_citation.journal_abbrev            Biochemistry 
_citation.journal_id_ASTM           BICHAW 
_citation.journal_id_CSD            0033 
_citation.journal_id_ISSN           0006-2960 
_citation.journal_full              ? 
_citation.journal_issue             ? 
_citation.journal_volume            61 
_citation.language                  ? 
_citation.page_first                446 
_citation.page_last                 454 
_citation.title                     
;Effects of Familial Alzheimer's Disease Mutations on the Assembly of a beta-Hairpin Peptide Derived from A beta 16-36 .
;
_citation.year                      2022 
_citation.database_id_CSD           ? 
_citation.pdbx_database_id_DOI      10.1021/acs.biochem.1c00664 
_citation.pdbx_database_id_PubMed   35213141 
_citation.unpublished_flag          ? 
# 
loop_
_citation_author.citation_id 
_citation_author.name 
_citation_author.ordinal 
_citation_author.identifier_ORCID 
primary 'McKnelly, K.J.' 1 ? 
primary 'Kreutzer, A.G.' 2 ? 
primary 'Howitz, W.J.'   3 ? 
primary 'Haduong, K.'    4 ? 
primary 'Yoo, S.'        5 ? 
primary 'Hart, C.'       6 ? 
primary 'Nowick, J.S.'   7 ? 
# 
_cell.angle_alpha                  90.000 
_cell.angle_alpha_esd              ? 
_cell.angle_beta                   90.000 
_cell.angle_beta_esd               ? 
_cell.angle_gamma                  120.000 
_cell.angle_gamma_esd              ? 
_cell.entry_id                     7JQT 
_cell.details                      ? 
_cell.formula_units_Z              ? 
_cell.length_a                     41.361 
_cell.length_a_esd                 ? 
_cell.length_b                     41.361 
_cell.length_b_esd                 ? 
_cell.length_c                     56.796 
_cell.length_c_esd                 ? 
_cell.volume                       ? 
_cell.volume_esd                   ? 
_cell.Z_PDB                        18 
_cell.reciprocal_angle_alpha       ? 
_cell.reciprocal_angle_beta        ? 
_cell.reciprocal_angle_gamma       ? 
_cell.reciprocal_angle_alpha_esd   ? 
_cell.reciprocal_angle_beta_esd    ? 
_cell.reciprocal_angle_gamma_esd   ? 
_cell.reciprocal_length_a          ? 
_cell.reciprocal_length_b          ? 
_cell.reciprocal_length_c          ? 
_cell.reciprocal_length_a_esd      ? 
_cell.reciprocal_length_b_esd      ? 
_cell.reciprocal_length_c_esd      ? 
_cell.pdbx_unique_axis             ? 
# 
_symmetry.entry_id                         7JQT 
_symmetry.cell_setting                     ? 
_symmetry.Int_Tables_number                155 
_symmetry.space_group_name_Hall            ? 
_symmetry.space_group_name_H-M             'H 3 2' 
_symmetry.pdbx_full_space_group_name_H-M   ? 
# 
loop_
_entity.id 
_entity.type 
_entity.src_method 
_entity.pdbx_description 
_entity.formula_weight 
_entity.pdbx_number_of_molecules 
_entity.pdbx_ec 
_entity.pdbx_mutation 
_entity.pdbx_fragment 
_entity.details 
1 polymer syn 'Abeta 16-36 beta-hairpin mimic VAL-ORT-LYS-LEU-VAL-MEA-PHE-ALA-LYS-ORT-ALA-ILE-ILE-GLY-LEU-MET' 1794.337 1  ? ? ? ? 
2 water   nat water                                                                                            18.015   13 ? ? ? ? 
# 
_entity_poly.entity_id                      1 
_entity_poly.type                           'polypeptide(L)' 
_entity_poly.nstd_linkage                   no 
_entity_poly.nstd_monomer                   yes 
_entity_poly.pdbx_seq_one_letter_code       'V(ORN)KLV(MEA)FAK(ORN)AIIGLM' 
_entity_poly.pdbx_seq_one_letter_code_can   VAKLVFFAKAAIIGLM 
_entity_poly.pdbx_strand_id                 A 
_entity_poly.pdbx_target_identifier         ? 
# 
loop_
_entity_poly_seq.entity_id 
_entity_poly_seq.num 
_entity_poly_seq.mon_id 
_entity_poly_seq.hetero 
1 1  VAL n 
1 2  ORN n 
1 3  LYS n 
1 4  LEU n 
1 5  VAL n 
1 6  MEA n 
1 7  PHE n 
1 8  ALA n 
1 9  LYS n 
1 10 ORN n 
1 11 ALA n 
1 12 ILE n 
1 13 ILE n 
1 14 GLY n 
1 15 LEU n 
1 16 MET n 
# 
_pdbx_entity_src_syn.entity_id              1 
_pdbx_entity_src_syn.pdbx_src_id            1 
_pdbx_entity_src_syn.pdbx_alt_source_flag   sample 
_pdbx_entity_src_syn.pdbx_beg_seq_num       1 
_pdbx_entity_src_syn.pdbx_end_seq_num       16 
_pdbx_entity_src_syn.organism_scientific    'Homo sapiens' 
_pdbx_entity_src_syn.organism_common_name   Human 
_pdbx_entity_src_syn.ncbi_taxonomy_id       9606 
_pdbx_entity_src_syn.details                ? 
# 
_struct_ref.id                         1 
_struct_ref.db_name                    PDB 
_struct_ref.db_code                    7JQT 
_struct_ref.pdbx_db_accession          7JQT 
_struct_ref.pdbx_db_isoform            ? 
_struct_ref.entity_id                  1 
_struct_ref.pdbx_seq_one_letter_code   ? 
_struct_ref.pdbx_align_begin           1 
# 
_struct_ref_seq.align_id                      1 
_struct_ref_seq.ref_id                        1 
_struct_ref_seq.pdbx_PDB_id_code              7JQT 
_struct_ref_seq.pdbx_strand_id                A 
_struct_ref_seq.seq_align_beg                 1 
_struct_ref_seq.pdbx_seq_align_beg_ins_code   ? 
_struct_ref_seq.seq_align_end                 16 
_struct_ref_seq.pdbx_seq_align_end_ins_code   ? 
_struct_ref_seq.pdbx_db_accession             7JQT 
_struct_ref_seq.db_align_beg                  1 
_struct_ref_seq.pdbx_db_align_beg_ins_code    ? 
_struct_ref_seq.db_align_end                  16 
_struct_ref_seq.pdbx_db_align_end_ins_code    ? 
_struct_ref_seq.pdbx_auth_seq_align_beg       1 
_struct_ref_seq.pdbx_auth_seq_align_end       16 
# 
loop_
_chem_comp.id 
_chem_comp.type 
_chem_comp.mon_nstd_flag 
_chem_comp.name 
_chem_comp.pdbx_synonyms 
_chem_comp.formula 
_chem_comp.formula_weight 
ALA 'L-peptide linking' y ALANINE               ? 'C3 H7 N O2'     89.093  
GLY 'peptide linking'   y GLYCINE               ? 'C2 H5 N O2'     75.067  
HOH non-polymer         . WATER                 ? 'H2 O'           18.015  
ILE 'L-peptide linking' y ISOLEUCINE            ? 'C6 H13 N O2'    131.173 
LEU 'L-peptide linking' y LEUCINE               ? 'C6 H13 N O2'    131.173 
LYS 'L-peptide linking' y LYSINE                ? 'C6 H15 N2 O2 1' 147.195 
MEA 'L-peptide linking' n N-METHYLPHENYLALANINE ? 'C10 H13 N O2'   179.216 
MET 'L-peptide linking' y METHIONINE            ? 'C5 H11 N O2 S'  149.211 
ORN 'L-peptide linking' n L-ornithine           ? 'C5 H12 N2 O2'   132.161 
PHE 'L-peptide linking' y PHENYLALANINE         ? 'C9 H11 N O2'    165.189 
VAL 'L-peptide linking' y VALINE                ? 'C5 H11 N O2'    117.146 
# 
_exptl.absorpt_coefficient_mu     ? 
_exptl.absorpt_correction_T_max   ? 
_exptl.absorpt_correction_T_min   ? 
_exptl.absorpt_correction_type    ? 
_exptl.absorpt_process_details    ? 
_exptl.entry_id                   7JQT 
_exptl.crystals_number            1 
_exptl.details                    ? 
_exptl.method                     'X-RAY DIFFRACTION' 
_exptl.method_details             ? 
# 
_exptl_crystal.colour                      ? 
_exptl_crystal.density_diffrn              ? 
_exptl_crystal.density_Matthews            2.57 
_exptl_crystal.density_method              ? 
_exptl_crystal.density_percent_sol         52.10 
_exptl_crystal.description                 ? 
_exptl_crystal.F_000                       ? 
_exptl_crystal.id                          1 
_exptl_crystal.preparation                 ? 
_exptl_crystal.size_max                    ? 
_exptl_crystal.size_mid                    ? 
_exptl_crystal.size_min                    ? 
_exptl_crystal.size_rad                    ? 
_exptl_crystal.colour_lustre               ? 
_exptl_crystal.colour_modifier             ? 
_exptl_crystal.colour_primary              ? 
_exptl_crystal.density_meas                ? 
_exptl_crystal.density_meas_esd            ? 
_exptl_crystal.density_meas_gt             ? 
_exptl_crystal.density_meas_lt             ? 
_exptl_crystal.density_meas_temp           ? 
_exptl_crystal.density_meas_temp_esd       ? 
_exptl_crystal.density_meas_temp_gt        ? 
_exptl_crystal.density_meas_temp_lt        ? 
_exptl_crystal.pdbx_crystal_image_url      ? 
_exptl_crystal.pdbx_crystal_image_format   ? 
_exptl_crystal.pdbx_mosaicity              ? 
_exptl_crystal.pdbx_mosaicity_esd          ? 
# 
_exptl_crystal_grow.apparatus       ? 
_exptl_crystal_grow.atmosphere      ? 
_exptl_crystal_grow.crystal_id      1 
_exptl_crystal_grow.details         ? 
_exptl_crystal_grow.method          'VAPOR DIFFUSION, HANGING DROP' 
_exptl_crystal_grow.method_ref      ? 
_exptl_crystal_grow.pH              ? 
_exptl_crystal_grow.pressure        ? 
_exptl_crystal_grow.pressure_esd    ? 
_exptl_crystal_grow.seeding         ? 
_exptl_crystal_grow.seeding_ref     ? 
_exptl_crystal_grow.temp            297.15 
_exptl_crystal_grow.temp_details    ? 
_exptl_crystal_grow.temp_esd        ? 
_exptl_crystal_grow.time            ? 
_exptl_crystal_grow.pdbx_details    'sodium thiocyanate, PEG 3350' 
_exptl_crystal_grow.pdbx_pH_range   ? 
# 
_diffrn.ambient_environment              ? 
_diffrn.ambient_temp                     123.15 
_diffrn.ambient_temp_details             ? 
_diffrn.ambient_temp_esd                 ? 
_diffrn.crystal_id                       1 
_diffrn.crystal_support                  ? 
_diffrn.crystal_treatment                ? 
_diffrn.details                          ? 
_diffrn.id                               1 
_diffrn.ambient_pressure                 ? 
_diffrn.ambient_pressure_esd             ? 
_diffrn.ambient_pressure_gt              ? 
_diffrn.ambient_pressure_lt              ? 
_diffrn.ambient_temp_gt                  ? 
_diffrn.ambient_temp_lt                  ? 
_diffrn.pdbx_serial_crystal_experiment   N 
# 
_diffrn_detector.details                      ? 
_diffrn_detector.detector                     CCD 
_diffrn_detector.diffrn_id                    1 
_diffrn_detector.type                         'RIGAKU SATURN 944+' 
_diffrn_detector.area_resol_mean              ? 
_diffrn_detector.dtime                        ? 
_diffrn_detector.pdbx_frames_total            ? 
_diffrn_detector.pdbx_collection_time_total   ? 
_diffrn_detector.pdbx_collection_date         2017-09-15 
_diffrn_detector.pdbx_frequency               ? 
# 
_diffrn_radiation.collimation                      ? 
_diffrn_radiation.diffrn_id                        1 
_diffrn_radiation.filter_edge                      ? 
_diffrn_radiation.inhomogeneity                    ? 
_diffrn_radiation.monochromator                    ? 
_diffrn_radiation.polarisn_norm                    ? 
_diffrn_radiation.polarisn_ratio                   ? 
_diffrn_radiation.probe                            ? 
_diffrn_radiation.type                             ? 
_diffrn_radiation.xray_symbol                      ? 
_diffrn_radiation.wavelength_id                    1 
_diffrn_radiation.pdbx_monochromatic_or_laue_m_l   M 
_diffrn_radiation.pdbx_wavelength_list             ? 
_diffrn_radiation.pdbx_wavelength                  ? 
_diffrn_radiation.pdbx_diffrn_protocol             'SINGLE WAVELENGTH' 
_diffrn_radiation.pdbx_analyzer                    ? 
_diffrn_radiation.pdbx_scattering_type             x-ray 
# 
_diffrn_radiation_wavelength.id           1 
_diffrn_radiation_wavelength.wavelength   1.54 
_diffrn_radiation_wavelength.wt           1.0 
# 
_diffrn_source.current                     ? 
_diffrn_source.details                     ? 
_diffrn_source.diffrn_id                   1 
_diffrn_source.power                       ? 
_diffrn_source.size                        ? 
_diffrn_source.source                      'ROTATING ANODE' 
_diffrn_source.target                      ? 
_diffrn_source.type                        'RIGAKU MICROMAX-007 HF' 
_diffrn_source.voltage                     ? 
_diffrn_source.take-off_angle              ? 
_diffrn_source.pdbx_wavelength_list        1.54 
_diffrn_source.pdbx_wavelength             ? 
_diffrn_source.pdbx_synchrotron_beamline   ? 
_diffrn_source.pdbx_synchrotron_site       ? 
# 
_reflns.B_iso_Wilson_estimate            ? 
_reflns.entry_id                         7JQT 
_reflns.data_reduction_details           ? 
_reflns.data_reduction_method            ? 
_reflns.d_resolution_high                2.08 
_reflns.d_resolution_low                 17.0810 
_reflns.details                          ? 
_reflns.limit_h_max                      ? 
_reflns.limit_h_min                      ? 
_reflns.limit_k_max                      ? 
_reflns.limit_k_min                      ? 
_reflns.limit_l_max                      ? 
_reflns.limit_l_min                      ? 
_reflns.number_all                       ? 
_reflns.number_obs                       2159 
_reflns.observed_criterion               ? 
_reflns.observed_criterion_F_max         ? 
_reflns.observed_criterion_F_min         ? 
_reflns.observed_criterion_I_max         ? 
_reflns.observed_criterion_I_min         ? 
_reflns.observed_criterion_sigma_F       ? 
_reflns.observed_criterion_sigma_I       ? 
_reflns.percent_possible_obs             97.63 
_reflns.R_free_details                   ? 
_reflns.Rmerge_F_all                     ? 
_reflns.Rmerge_F_obs                     ? 
_reflns.Friedel_coverage                 ? 
_reflns.number_gt                        ? 
_reflns.threshold_expression             ? 
_reflns.pdbx_redundancy                  40.7 
_reflns.pdbx_Rmerge_I_obs                0.008785 
_reflns.pdbx_Rmerge_I_all                ? 
_reflns.pdbx_Rsym_value                  ? 
_reflns.pdbx_netI_over_av_sigmaI         ? 
_reflns.pdbx_netI_over_sigmaI            112.71 
_reflns.pdbx_res_netI_over_av_sigmaI_2   ? 
_reflns.pdbx_res_netI_over_sigmaI_2      ? 
_reflns.pdbx_chi_squared                 ? 
_reflns.pdbx_scaling_rejects             ? 
_reflns.pdbx_d_res_high_opt              ? 
_reflns.pdbx_d_res_low_opt               ? 
_reflns.pdbx_d_res_opt_method            ? 
_reflns.phase_calculation_details        ? 
_reflns.pdbx_Rrim_I_all                  ? 
_reflns.pdbx_Rpim_I_all                  ? 
_reflns.pdbx_d_opt                       ? 
_reflns.pdbx_number_measured_all         ? 
_reflns.pdbx_diffrn_id                   1 
_reflns.pdbx_ordinal                     1 
_reflns.pdbx_CC_half                     0.999 
_reflns.pdbx_CC_star                     ? 
_reflns.pdbx_R_split                     ? 
# 
_reflns_shell.d_res_high                  2.08 
_reflns_shell.d_res_low                   2.154 
_reflns_shell.meanI_over_sigI_all         ? 
_reflns_shell.meanI_over_sigI_obs         ? 
_reflns_shell.number_measured_all         ? 
_reflns_shell.number_measured_obs         ? 
_reflns_shell.number_possible             ? 
_reflns_shell.number_unique_all           ? 
_reflns_shell.number_unique_obs           125 
_reflns_shell.percent_possible_all        ? 
_reflns_shell.percent_possible_obs        ? 
_reflns_shell.Rmerge_F_all                ? 
_reflns_shell.Rmerge_F_obs                ? 
_reflns_shell.Rmerge_I_all                ? 
_reflns_shell.Rmerge_I_obs                0.008848 
_reflns_shell.meanI_over_sigI_gt          ? 
_reflns_shell.meanI_over_uI_all           ? 
_reflns_shell.meanI_over_uI_gt            ? 
_reflns_shell.number_measured_gt          ? 
_reflns_shell.number_unique_gt            ? 
_reflns_shell.percent_possible_gt         ? 
_reflns_shell.Rmerge_F_gt                 ? 
_reflns_shell.Rmerge_I_gt                 ? 
_reflns_shell.pdbx_redundancy             ? 
_reflns_shell.pdbx_Rsym_value             ? 
_reflns_shell.pdbx_chi_squared            ? 
_reflns_shell.pdbx_netI_over_sigmaI_all   ? 
_reflns_shell.pdbx_netI_over_sigmaI_obs   ? 
_reflns_shell.pdbx_Rrim_I_all             ? 
_reflns_shell.pdbx_Rpim_I_all             ? 
_reflns_shell.pdbx_rejects                ? 
_reflns_shell.pdbx_ordinal                1 
_reflns_shell.pdbx_diffrn_id              1 
_reflns_shell.pdbx_CC_half                1 
_reflns_shell.pdbx_CC_star                ? 
_reflns_shell.pdbx_R_split                ? 
# 
_refine.aniso_B[1][1]                            ? 
_refine.aniso_B[1][2]                            ? 
_refine.aniso_B[1][3]                            ? 
_refine.aniso_B[2][2]                            ? 
_refine.aniso_B[2][3]                            ? 
_refine.aniso_B[3][3]                            ? 
_refine.B_iso_max                                122.710 
_refine.B_iso_mean                               40.4363 
_refine.B_iso_min                                11.400 
_refine.correlation_coeff_Fo_to_Fc               ? 
_refine.correlation_coeff_Fo_to_Fc_free          ? 
_refine.details                                  ? 
_refine.diff_density_max                         ? 
_refine.diff_density_max_esd                     ? 
_refine.diff_density_min                         ? 
_refine.diff_density_min_esd                     ? 
_refine.diff_density_rms                         ? 
_refine.diff_density_rms_esd                     ? 
_refine.entry_id                                 7JQT 
_refine.pdbx_refine_id                           'X-RAY DIFFRACTION' 
_refine.ls_abs_structure_details                 ? 
_refine.ls_abs_structure_Flack                   ? 
_refine.ls_abs_structure_Flack_esd               ? 
_refine.ls_abs_structure_Rogers                  ? 
_refine.ls_abs_structure_Rogers_esd              ? 
_refine.ls_d_res_high                            2.0800 
_refine.ls_d_res_low                             17.0810 
_refine.ls_extinction_coef                       ? 
_refine.ls_extinction_coef_esd                   ? 
_refine.ls_extinction_expression                 ? 
_refine.ls_extinction_method                     ? 
_refine.ls_goodness_of_fit_all                   ? 
_refine.ls_goodness_of_fit_all_esd               ? 
_refine.ls_goodness_of_fit_obs                   ? 
_refine.ls_goodness_of_fit_obs_esd               ? 
_refine.ls_hydrogen_treatment                    ? 
_refine.ls_matrix_type                           ? 
_refine.ls_number_constraints                    ? 
_refine.ls_number_parameters                     ? 
_refine.ls_number_reflns_all                     ? 
_refine.ls_number_reflns_obs                     2159 
_refine.ls_number_reflns_R_free                  215 
_refine.ls_number_reflns_R_work                  1944 
_refine.ls_number_restraints                     ? 
_refine.ls_percent_reflns_obs                    98.3600 
_refine.ls_percent_reflns_R_free                 9.9600 
_refine.ls_R_factor_all                          ? 
_refine.ls_R_factor_obs                          0.2075 
_refine.ls_R_factor_R_free                       0.2572 
_refine.ls_R_factor_R_free_error                 ? 
_refine.ls_R_factor_R_free_error_details         ? 
_refine.ls_R_factor_R_work                       0.2023 
_refine.ls_R_Fsqd_factor_obs                     ? 
_refine.ls_R_I_factor_obs                        ? 
_refine.ls_redundancy_reflns_all                 ? 
_refine.ls_redundancy_reflns_obs                 ? 
_refine.ls_restrained_S_all                      ? 
_refine.ls_restrained_S_obs                      ? 
_refine.ls_shift_over_esd_max                    ? 
_refine.ls_shift_over_esd_mean                   ? 
_refine.ls_structure_factor_coef                 ? 
_refine.ls_weighting_details                     ? 
_refine.ls_weighting_scheme                      ? 
_refine.ls_wR_factor_all                         ? 
_refine.ls_wR_factor_obs                         ? 
_refine.ls_wR_factor_R_free                      ? 
_refine.ls_wR_factor_R_work                      ? 
_refine.occupancy_max                            ? 
_refine.occupancy_min                            ? 
_refine.solvent_model_details                    'FLAT BULK SOLVENT MODEL' 
_refine.solvent_model_param_bsol                 ? 
_refine.solvent_model_param_ksol                 ? 
_refine.pdbx_R_complete                          ? 
_refine.ls_R_factor_gt                           ? 
_refine.ls_goodness_of_fit_gt                    ? 
_refine.ls_goodness_of_fit_ref                   ? 
_refine.ls_shift_over_su_max                     ? 
_refine.ls_shift_over_su_max_lt                  ? 
_refine.ls_shift_over_su_mean                    ? 
_refine.ls_shift_over_su_mean_lt                 ? 
_refine.pdbx_ls_sigma_I                          ? 
_refine.pdbx_ls_sigma_F                          1.370 
_refine.pdbx_ls_sigma_Fsqd                       ? 
_refine.pdbx_data_cutoff_high_absF               ? 
_refine.pdbx_data_cutoff_high_rms_absF           ? 
_refine.pdbx_data_cutoff_low_absF                ? 
_refine.pdbx_isotropic_thermal_model             ? 
_refine.pdbx_ls_cross_valid_method               THROUGHOUT 
_refine.pdbx_method_to_determine_struct          'MOLECULAR REPLACEMENT' 
_refine.pdbx_starting_model                      7JQR 
_refine.pdbx_stereochemistry_target_values       ML 
_refine.pdbx_R_Free_selection_details            ? 
_refine.pdbx_stereochem_target_val_spec_case     ? 
_refine.pdbx_overall_ESU_R                       ? 
_refine.pdbx_overall_ESU_R_Free                  ? 
_refine.pdbx_solvent_vdw_probe_radii             1.1100 
_refine.pdbx_solvent_ion_probe_radii             ? 
_refine.pdbx_solvent_shrinkage_radii             0.9000 
_refine.pdbx_real_space_R                        ? 
_refine.pdbx_density_correlation                 ? 
_refine.pdbx_pd_number_of_powder_patterns        ? 
_refine.pdbx_pd_number_of_points                 ? 
_refine.pdbx_pd_meas_number_of_points            ? 
_refine.pdbx_pd_proc_ls_prof_R_factor            ? 
_refine.pdbx_pd_proc_ls_prof_wR_factor           ? 
_refine.pdbx_pd_Marquardt_correlation_coeff      ? 
_refine.pdbx_pd_Fsqrd_R_factor                   ? 
_refine.pdbx_pd_ls_matrix_band_width             ? 
_refine.pdbx_overall_phase_error                 16.3400 
_refine.pdbx_overall_SU_R_free_Cruickshank_DPI   ? 
_refine.pdbx_overall_SU_R_free_Blow_DPI          ? 
_refine.pdbx_overall_SU_R_Blow_DPI               ? 
_refine.pdbx_TLS_residual_ADP_flag               ? 
_refine.pdbx_diffrn_id                           1 
_refine.overall_SU_B                             ? 
_refine.overall_SU_ML                            0.1900 
_refine.overall_SU_R_Cruickshank_DPI             ? 
_refine.overall_SU_R_free                        ? 
_refine.overall_FOM_free_R_set                   ? 
_refine.overall_FOM_work_R_set                   ? 
_refine.pdbx_average_fsc_overall                 ? 
_refine.pdbx_average_fsc_work                    ? 
_refine.pdbx_average_fsc_free                    ? 
# 
_refine_hist.pdbx_refine_id                   'X-RAY DIFFRACTION' 
_refine_hist.cycle_id                         final 
_refine_hist.details                          ? 
_refine_hist.d_res_high                       2.0800 
_refine_hist.d_res_low                        17.0810 
_refine_hist.number_atoms_solvent             13 
_refine_hist.number_atoms_total               138 
_refine_hist.number_reflns_all                ? 
_refine_hist.number_reflns_obs                ? 
_refine_hist.number_reflns_R_free             ? 
_refine_hist.number_reflns_R_work             ? 
_refine_hist.R_factor_all                     ? 
_refine_hist.R_factor_obs                     ? 
_refine_hist.R_factor_R_free                  ? 
_refine_hist.R_factor_R_work                  ? 
_refine_hist.pdbx_number_residues_total       16 
_refine_hist.pdbx_B_iso_mean_ligand           ? 
_refine_hist.pdbx_B_iso_mean_solvent          43.60 
_refine_hist.pdbx_number_atoms_protein        125 
_refine_hist.pdbx_number_atoms_nucleic_acid   0 
_refine_hist.pdbx_number_atoms_ligand         0 
_refine_hist.pdbx_number_atoms_lipid          ? 
_refine_hist.pdbx_number_atoms_carb           ? 
_refine_hist.pdbx_pseudo_atom_details         ? 
# 
loop_
_refine_ls_shell.pdbx_refine_id 
_refine_ls_shell.d_res_high 
_refine_ls_shell.d_res_low 
_refine_ls_shell.number_reflns_all 
_refine_ls_shell.number_reflns_obs 
_refine_ls_shell.number_reflns_R_free 
_refine_ls_shell.number_reflns_R_work 
_refine_ls_shell.percent_reflns_obs 
_refine_ls_shell.percent_reflns_R_free 
_refine_ls_shell.R_factor_all 
_refine_ls_shell.R_factor_obs 
_refine_ls_shell.R_factor_R_free 
_refine_ls_shell.R_factor_R_free_error 
_refine_ls_shell.R_factor_R_work 
_refine_ls_shell.redundancy_reflns_all 
_refine_ls_shell.redundancy_reflns_obs 
_refine_ls_shell.wR_factor_all 
_refine_ls_shell.wR_factor_obs 
_refine_ls_shell.wR_factor_R_free 
_refine_ls_shell.wR_factor_R_work 
_refine_ls_shell.pdbx_R_complete 
_refine_ls_shell.pdbx_total_number_of_bins_used 
_refine_ls_shell.pdbx_phase_error 
_refine_ls_shell.pdbx_fsc_work 
_refine_ls_shell.pdbx_fsc_free 
'X-RAY DIFFRACTION' 2.0803 2.6194  . . 110 990 100.0000 . . . 0.2579 0.0000 0.1950 . . . . . . . . . . . 
'X-RAY DIFFRACTION' 2.6194 17.0810 . . 105 954 97.0000  . . . 0.2569 0.0000 0.2060 . . . . . . . . . . . 
# 
_struct.entry_id                     7JQT 
_struct.title                        'Abeta 16-36 beta-hairpin mimic with E22K Italian mutation' 
_struct.pdbx_model_details           ? 
_struct.pdbx_formula_weight          ? 
_struct.pdbx_formula_weight_method   ? 
_struct.pdbx_model_type_details      ? 
_struct.pdbx_CASP_flag               N 
# 
_struct_keywords.entry_id        7JQT 
_struct_keywords.text            
;Alzheimer's disease, amyloid, Abeta, oligomer, familial mutant, DE NOVO PROTEIN
;
_struct_keywords.pdbx_keywords   'DE NOVO PROTEIN' 
# 
loop_
_struct_asym.id 
_struct_asym.pdbx_blank_PDB_chainid_flag 
_struct_asym.pdbx_modified 
_struct_asym.entity_id 
_struct_asym.details 
A N N 1 ? 
B N N 2 ? 
# 
loop_
_struct_conn.id 
_struct_conn.conn_type_id 
_struct_conn.pdbx_leaving_atom_flag 
_struct_conn.pdbx_PDB_id 
_struct_conn.ptnr1_label_asym_id 
_struct_conn.ptnr1_label_comp_id 
_struct_conn.ptnr1_label_seq_id 
_struct_conn.ptnr1_label_atom_id 
_struct_conn.pdbx_ptnr1_label_alt_id 
_struct_conn.pdbx_ptnr1_PDB_ins_code 
_struct_conn.pdbx_ptnr1_standard_comp_id 
_struct_conn.ptnr1_symmetry 
_struct_conn.ptnr2_label_asym_id 
_struct_conn.ptnr2_label_comp_id 
_struct_conn.ptnr2_label_seq_id 
_struct_conn.ptnr2_label_atom_id 
_struct_conn.pdbx_ptnr2_label_alt_id 
_struct_conn.pdbx_ptnr2_PDB_ins_code 
_struct_conn.ptnr1_auth_asym_id 
_struct_conn.ptnr1_auth_comp_id 
_struct_conn.ptnr1_auth_seq_id 
_struct_conn.ptnr2_auth_asym_id 
_struct_conn.ptnr2_auth_comp_id 
_struct_conn.ptnr2_auth_seq_id 
_struct_conn.ptnr2_symmetry 
_struct_conn.pdbx_ptnr3_label_atom_id 
_struct_conn.pdbx_ptnr3_label_seq_id 
_struct_conn.pdbx_ptnr3_label_comp_id 
_struct_conn.pdbx_ptnr3_label_asym_id 
_struct_conn.pdbx_ptnr3_label_alt_id 
_struct_conn.pdbx_ptnr3_PDB_ins_code 
_struct_conn.details 
_struct_conn.pdbx_dist_value 
_struct_conn.pdbx_value_order 
_struct_conn.pdbx_role 
covale1 covale both ? A VAL 1  C ? ? ? 1_555 A ORN 2  NE ? ? A VAL 1  A ORN 2  1_555 ? ? ? ? ? ? ? 1.378 ?    ? 
covale2 covale both ? A VAL 1  N ? ? ? 1_555 A MET 16 C  ? ? A VAL 1  A MET 16 1_555 ? ? ? ? ? ? ? 1.325 sing ? 
covale3 covale both ? A ORN 2  C ? ? ? 1_555 A LYS 3  N  ? ? A ORN 2  A LYS 3  1_555 ? ? ? ? ? ? ? 1.374 ?    ? 
covale4 covale both ? A VAL 5  C ? ? ? 1_555 A MEA 6  N  ? ? A VAL 5  A MEA 6  1_555 ? ? ? ? ? ? ? 1.335 ?    ? 
covale5 covale both ? A MEA 6  C ? ? ? 1_555 A PHE 7  N  ? ? A MEA 6  A PHE 7  1_555 ? ? ? ? ? ? ? 1.330 ?    ? 
covale6 covale both ? A LYS 9  C ? ? ? 1_555 A ORN 10 NE ? ? A LYS 9  A ORN 10 1_555 ? ? ? ? ? ? ? 1.378 ?    ? 
covale7 covale both ? A ORN 10 C ? ? ? 1_555 A ALA 11 N  ? ? A ORN 10 A ALA 11 1_555 ? ? ? ? ? ? ? 1.369 ?    ? 
# 
_struct_conn_type.id          covale 
_struct_conn_type.criteria    ? 
_struct_conn_type.reference   ? 
# 
_struct_sheet.id               AA1 
_struct_sheet.type             ? 
_struct_sheet.number_strands   2 
_struct_sheet.details          ? 
# 
_struct_sheet_order.sheet_id     AA1 
_struct_sheet_order.range_id_1   1 
_struct_sheet_order.range_id_2   2 
_struct_sheet_order.offset       ? 
_struct_sheet_order.sense        anti-parallel 
# 
loop_
_struct_sheet_range.sheet_id 
_struct_sheet_range.id 
_struct_sheet_range.beg_label_comp_id 
_struct_sheet_range.beg_label_asym_id 
_struct_sheet_range.beg_label_seq_id 
_struct_sheet_range.pdbx_beg_PDB_ins_code 
_struct_sheet_range.end_label_comp_id 
_struct_sheet_range.end_label_asym_id 
_struct_sheet_range.end_label_seq_id 
_struct_sheet_range.pdbx_end_PDB_ins_code 
_struct_sheet_range.beg_auth_comp_id 
_struct_sheet_range.beg_auth_asym_id 
_struct_sheet_range.beg_auth_seq_id 
_struct_sheet_range.end_auth_comp_id 
_struct_sheet_range.end_auth_asym_id 
_struct_sheet_range.end_auth_seq_id 
AA1 1 VAL A 5  ? PHE A 7  ? VAL A 5  PHE A 7  
AA1 2 ILE A 13 ? LEU A 15 ? ILE A 13 LEU A 15 
# 
_pdbx_struct_sheet_hbond.sheet_id                AA1 
_pdbx_struct_sheet_hbond.range_id_1              1 
_pdbx_struct_sheet_hbond.range_id_2              2 
_pdbx_struct_sheet_hbond.range_1_label_atom_id   N 
_pdbx_struct_sheet_hbond.range_1_label_comp_id   VAL 
_pdbx_struct_sheet_hbond.range_1_label_asym_id   A 
_pdbx_struct_sheet_hbond.range_1_label_seq_id    5 
_pdbx_struct_sheet_hbond.range_1_PDB_ins_code    ? 
_pdbx_struct_sheet_hbond.range_1_auth_atom_id    N 
_pdbx_struct_sheet_hbond.range_1_auth_comp_id    VAL 
_pdbx_struct_sheet_hbond.range_1_auth_asym_id    A 
_pdbx_struct_sheet_hbond.range_1_auth_seq_id     5 
_pdbx_struct_sheet_hbond.range_2_label_atom_id   O 
_pdbx_struct_sheet_hbond.range_2_label_comp_id   LEU 
_pdbx_struct_sheet_hbond.range_2_label_asym_id   A 
_pdbx_struct_sheet_hbond.range_2_label_seq_id    15 
_pdbx_struct_sheet_hbond.range_2_PDB_ins_code    ? 
_pdbx_struct_sheet_hbond.range_2_auth_atom_id    O 
_pdbx_struct_sheet_hbond.range_2_auth_comp_id    LEU 
_pdbx_struct_sheet_hbond.range_2_auth_asym_id    A 
_pdbx_struct_sheet_hbond.range_2_auth_seq_id     15 
# 
_atom_sites.entry_id                    7JQT 
_atom_sites.Cartn_transf_matrix[1][1]   ? 
_atom_sites.Cartn_transf_matrix[1][2]   ? 
_atom_sites.Cartn_transf_matrix[1][3]   ? 
_atom_sites.Cartn_transf_matrix[2][1]   ? 
_atom_sites.Cartn_transf_matrix[2][2]   ? 
_atom_sites.Cartn_transf_matrix[2][3]   ? 
_atom_sites.Cartn_transf_matrix[3][1]   ? 
_atom_sites.Cartn_transf_matrix[3][2]   ? 
_atom_sites.Cartn_transf_matrix[3][3]   ? 
_atom_sites.Cartn_transf_vector[1]      ? 
_atom_sites.Cartn_transf_vector[2]      ? 
_atom_sites.Cartn_transf_vector[3]      ? 
_atom_sites.fract_transf_matrix[1][1]   0.02683736 
_atom_sites.fract_transf_matrix[1][2]   0.00257988 
_atom_sites.fract_transf_matrix[1][3]   -0.00724439 
_atom_sites.fract_transf_matrix[2][1]   0.00917755 
_atom_sites.fract_transf_matrix[2][2]   0.02381510 
_atom_sites.fract_transf_matrix[2][3]   -0.01131249 
_atom_sites.fract_transf_matrix[3][1]   0.00373926 
_atom_sites.fract_transf_matrix[3][2]   0.00618539 
_atom_sites.fract_transf_matrix[3][3]   0.01605507 
_atom_sites.fract_transf_vector[1]      1.135062 
_atom_sites.fract_transf_vector[2]      1.642514 
_atom_sites.fract_transf_vector[3]      0.077077 
_atom_sites.solution_primary            ? 
_atom_sites.solution_secondary          ? 
_atom_sites.solution_hydrogens          ? 
_atom_sites.special_details             ? 
# 
loop_
_atom_type.symbol 
C 
H 
N 
O 
S 
# 
loop_
_atom_site.group_PDB 
_atom_site.id 
_atom_site.type_symbol 
_atom_site.label_atom_id 
_atom_site.label_alt_id 
_atom_site.label_comp_id 
_atom_site.label_asym_id 
_atom_site.label_entity_id 
_atom_site.label_seq_id 
_atom_site.pdbx_PDB_ins_code 
_atom_site.Cartn_x 
_atom_site.Cartn_y 
_atom_site.Cartn_z 
_atom_site.occupancy 
_atom_site.B_iso_or_equiv 
_atom_site.pdbx_formal_charge 
_atom_site.auth_seq_id 
_atom_site.auth_comp_id 
_atom_site.auth_asym_id 
_atom_site.auth_atom_id 
_atom_site.pdbx_PDB_model_num 
ATOM   1   N N    . VAL A 1 1  ? -1.525 -7.662  -0.509 1.00 16.86  ? 1   VAL A N    1 
ATOM   2   C CA   . VAL A 1 1  ? -2.167 -8.137  -1.731 1.00 18.62  ? 1   VAL A CA   1 
ATOM   3   C C    . VAL A 1 1  ? -1.668 -9.530  -2.113 1.00 12.67  ? 1   VAL A C    1 
ATOM   4   O O    . VAL A 1 1  ? -0.556 -9.685  -2.616 1.00 15.61  ? 1   VAL A O    1 
ATOM   5   C CB   . VAL A 1 1  ? -1.931 -7.135  -2.879 1.00 23.04  ? 1   VAL A CB   1 
ATOM   6   C CG1  . VAL A 1 1  ? -2.651 -7.574  -4.154 1.00 27.50  ? 1   VAL A CG1  1 
ATOM   7   C CG2  . VAL A 1 1  ? -2.383 -5.733  -2.458 1.00 21.96  ? 1   VAL A CG2  1 
ATOM   8   H H1   . VAL A 1 1  ? -0.732 -7.355  -0.628 1.00 20.34  ? 1   VAL A H1   1 
ATOM   9   H HA   . VAL A 1 1  ? -3.121 -8.210  -1.574 1.00 22.45  ? 1   VAL A HA   1 
ATOM   10  H HB   . VAL A 1 1  ? -0.982 -7.107  -3.075 1.00 27.76  ? 1   VAL A HB   1 
ATOM   11  H HG11 . VAL A 1 1  ? -2.146 -7.268  -4.924 1.00 33.11  ? 1   VAL A HG11 1 
ATOM   12  H HG12 . VAL A 1 1  ? -2.715 -8.542  -4.163 1.00 33.11  ? 1   VAL A HG12 1 
ATOM   13  H HG13 . VAL A 1 1  ? -3.539 -7.184  -4.166 1.00 33.11  ? 1   VAL A HG13 1 
ATOM   14  H HG21 . VAL A 1 1  ? -2.277 -5.128  -3.209 1.00 26.46  ? 1   VAL A HG21 1 
ATOM   15  H HG22 . VAL A 1 1  ? -3.315 -5.768  -2.190 1.00 26.46  ? 1   VAL A HG22 1 
ATOM   16  H HG23 . VAL A 1 1  ? -1.836 -5.435  -1.714 1.00 26.46  ? 1   VAL A HG23 1 
HETATM 17  N N    . ORN A 1 2  ? 1.273  -13.829 -1.133 1.00 30.58  ? 2   ORN A N    1 
HETATM 18  C CA   . ORN A 1 2  ? 0.880  -12.404 -1.302 1.00 20.25  ? 2   ORN A CA   1 
HETATM 19  C CB   . ORN A 1 2  ? -0.339 -12.069 -0.434 1.00 14.12  ? 2   ORN A CB   1 
HETATM 20  C CG   . ORN A 1 2  ? -1.642 -12.691 -0.963 1.00 17.75  ? 2   ORN A CG   1 
HETATM 21  C CD   . ORN A 1 2  ? -2.197 -11.945 -2.195 1.00 28.73  ? 2   ORN A CD   1 
HETATM 22  N NE   . ORN A 1 2  ? -2.539 -10.571 -1.877 1.00 15.92  ? 2   ORN A NE   1 
HETATM 23  C C    . ORN A 1 2  ? 2.053  -11.473 -0.953 1.00 13.83  ? 2   ORN A C    1 
HETATM 24  O O    . ORN A 1 2  ? 3.110  -11.909 -0.487 1.00 15.18  ? 2   ORN A O    1 
HETATM 25  H H2   . ORN A 1 2  ? 0.627  -14.493 -1.566 1.00 36.81  ? 2   ORN A H2   1 
HETATM 26  H H    . ORN A 1 2  ? 1.337  -14.131 -0.157 1.00 36.81  ? 2   ORN A H    1 
HETATM 27  H HA   . ORN A 1 2  ? 0.661  -12.277 -2.365 1.00 24.41  ? 2   ORN A HA   1 
HETATM 28  H HB2  . ORN A 1 2  ? -0.169 -12.456 0.580  1.00 17.05  ? 2   ORN A HB2  1 
HETATM 29  H HB3  . ORN A 1 2  ? -0.470 -10.978 -0.412 1.00 17.05  ? 2   ORN A HB3  1 
HETATM 30  H HG2  . ORN A 1 2  ? -1.455 -13.737 -1.232 1.00 21.41  ? 2   ORN A HG2  1 
HETATM 31  H HG3  . ORN A 1 2  ? -2.394 -12.674 -0.166 1.00 21.41  ? 2   ORN A HG3  1 
HETATM 32  H HD2  . ORN A 1 2  ? -1.436 -11.947 -2.981 1.00 34.58  ? 2   ORN A HD2  1 
HETATM 33  H HD3  . ORN A 1 2  ? -3.096 -12.461 -2.544 1.00 34.58  ? 2   ORN A HD3  1 
HETATM 34  H HE1  . ORN A 1 2  ? -3.443 -10.442 -1.465 1.00 19.22  ? 2   ORN A HE1  1 
ATOM   35  N N    . LYS A 1 3  ? 1.842  -10.140 -1.215 1.00 14.93  ? 3   LYS A N    1 
ATOM   36  C CA   . LYS A 1 3  ? 2.861  -9.126  -0.960 1.00 15.87  ? 3   LYS A CA   1 
ATOM   37  C C    . LYS A 1 3  ? 2.264  -7.846  -0.381 1.00 14.98  ? 3   LYS A C    1 
ATOM   38  O O    . LYS A 1 3  ? 1.157  -7.447  -0.742 1.00 13.97  ? 3   LYS A O    1 
ATOM   39  C CB   . LYS A 1 3  ? 3.603  -8.781  -2.255 1.00 33.36  ? 3   LYS A CB   1 
ATOM   40  C CG   . LYS A 1 3  ? 4.357  -9.930  -2.894 1.00 59.40  ? 3   LYS A CG   1 
ATOM   41  C CD   . LYS A 1 3  ? 4.668  -9.611  -4.348 1.00 73.76  ? 3   LYS A CD   1 
ATOM   42  C CE   . LYS A 1 3  ? 5.547  -10.672 -4.983 1.00 74.40  ? 3   LYS A CE   1 
ATOM   43  N NZ   . LYS A 1 3  ? 5.970  -10.288 -6.359 1.00 68.65  ? 3   LYS A NZ   1 
ATOM   44  H H    . LYS A 1 3  ? 1.110  -9.823  -1.537 1.00 18.02  ? 3   LYS A H    1 
ATOM   45  H HA   . LYS A 1 3  ? 3.487  -9.487  -0.313 1.00 19.16  ? 3   LYS A HA   1 
ATOM   46  H HB2  . LYS A 1 3  ? 2.956  -8.463  -2.903 1.00 40.14  ? 3   LYS A HB2  1 
ATOM   47  H HB3  . LYS A 1 3  ? 4.249  -8.084  -2.061 1.00 40.14  ? 3   LYS A HB3  1 
ATOM   48  H HG2  . LYS A 1 3  ? 5.192  -10.073 -2.423 1.00 71.39  ? 3   LYS A HG2  1 
ATOM   49  H HG3  . LYS A 1 3  ? 3.815  -10.733 -2.861 1.00 71.39  ? 3   LYS A HG3  1 
ATOM   50  H HD2  . LYS A 1 3  ? 3.839  -9.565  -4.849 1.00 88.62  ? 3   LYS A HD2  1 
ATOM   51  H HD3  . LYS A 1 3  ? 5.134  -8.763  -4.397 1.00 88.62  ? 3   LYS A HD3  1 
ATOM   52  H HE2  . LYS A 1 3  ? 6.344  -10.792 -4.443 1.00 89.39  ? 3   LYS A HE2  1 
ATOM   53  H HE3  . LYS A 1 3  ? 5.055  -11.506 -5.037 1.00 89.39  ? 3   LYS A HE3  1 
ATOM   54  H HZ1  . LYS A 1 3  ? 6.522  -9.592  -6.325 1.00 82.48  ? 3   LYS A HZ1  1 
ATOM   55  H HZ2  . LYS A 1 3  ? 6.389  -10.970 -6.750 1.00 82.48  ? 3   LYS A HZ2  1 
ATOM   56  H HZ3  . LYS A 1 3  ? 5.257  -10.070 -6.846 1.00 82.48  ? 3   LYS A HZ3  1 
ATOM   57  N N    . LEU A 1 4  ? 3.012  -7.201  0.509  1.00 16.45  ? 4   LEU A N    1 
ATOM   58  C CA   . LEU A 1 4  ? 2.621  -5.899  1.032  1.00 16.05  ? 4   LEU A CA   1 
ATOM   59  C C    . LEU A 1 4  ? 2.867  -4.840  -0.035 1.00 20.35  ? 4   LEU A C    1 
ATOM   60  O O    . LEU A 1 4  ? 4.003  -4.652  -0.483 1.00 16.80  ? 4   LEU A O    1 
ATOM   61  C CB   . LEU A 1 4  ? 3.400  -5.585  2.308  1.00 18.87  ? 4   LEU A CB   1 
ATOM   62  C CG   . LEU A 1 4  ? 3.214  -4.194  2.920  1.00 22.71  ? 4   LEU A CG   1 
ATOM   63  C CD1  . LEU A 1 4  ? 1.746  -3.918  3.237  1.00 19.25  ? 4   LEU A CD1  1 
ATOM   64  C CD2  . LEU A 1 4  ? 4.069  -4.048  4.174  1.00 20.19  ? 4   LEU A CD2  1 
ATOM   65  H H    . LEU A 1 4  ? 3.755  -7.496  0.827  1.00 19.85  ? 4   LEU A H    1 
ATOM   66  H HA   . LEU A 1 4  ? 1.677  -5.901  1.258  1.00 19.37  ? 4   LEU A HA   1 
ATOM   67  H HB2  . LEU A 1 4  ? 3.135  -6.228  2.985  1.00 22.75  ? 4   LEU A HB2  1 
ATOM   68  H HB3  . LEU A 1 4  ? 4.345  -5.682  2.111  1.00 22.75  ? 4   LEU A HB3  1 
ATOM   69  H HG   . LEU A 1 4  ? 3.501  -3.532  2.272  1.00 27.36  ? 4   LEU A HG   1 
ATOM   70  H HD11 . LEU A 1 4  ? 1.659  -3.721  4.183  1.00 23.21  ? 4   LEU A HD11 1 
ATOM   71  H HD12 . LEU A 1 4  ? 1.448  -3.158  2.713  1.00 23.21  ? 4   LEU A HD12 1 
ATOM   72  H HD13 . LEU A 1 4  ? 1.221  -4.702  3.013  1.00 23.21  ? 4   LEU A HD13 1 
ATOM   73  H HD21 . LEU A 1 4  ? 3.887  -3.187  4.581  1.00 24.34  ? 4   LEU A HD21 1 
ATOM   74  H HD22 . LEU A 1 4  ? 3.845  -4.761  4.793  1.00 24.34  ? 4   LEU A HD22 1 
ATOM   75  H HD23 . LEU A 1 4  ? 5.005  -4.106  3.926  1.00 24.34  ? 4   LEU A HD23 1 
ATOM   76  N N    . VAL A 1 5  ? 1.806  -4.162  -0.453 1.00 12.81  ? 5   VAL A N    1 
ATOM   77  C CA   . VAL A 1 5  ? 1.892  -3.194  -1.541 1.00 26.64  ? 5   VAL A CA   1 
ATOM   78  C C    . VAL A 1 5  ? 1.647  -1.798  -0.978 1.00 17.06  ? 5   VAL A C    1 
ATOM   79  O O    . VAL A 1 5  ? 0.699  -1.616  -0.223 1.00 12.85  ? 5   VAL A O    1 
ATOM   80  C CB   . VAL A 1 5  ? 0.879  -3.518  -2.658 1.00 20.20  ? 5   VAL A CB   1 
ATOM   81  C CG1  . VAL A 1 5  ? 1.036  -2.551  -3.835 1.00 26.86  ? 5   VAL A CG1  1 
ATOM   82  C CG2  . VAL A 1 5  ? 1.035  -4.957  -3.117 1.00 24.43  ? 5   VAL A CG2  1 
ATOM   83  H H    . VAL A 1 5  ? 1.018  -4.244  -0.122 1.00 15.44  ? 5   VAL A H    1 
ATOM   84  H HA   . VAL A 1 5  ? 2.776  -3.226  -1.938 1.00 32.08  ? 5   VAL A HA   1 
ATOM   85  H HB   . VAL A 1 5  ? -0.017 -3.408  -2.304 1.00 24.35  ? 5   VAL A HB   1 
ATOM   86  H HG11 . VAL A 1 5  ? 0.386  -2.780  -4.519 1.00 32.34  ? 5   VAL A HG11 1 
ATOM   87  H HG12 . VAL A 1 5  ? 0.883  -1.645  -3.524 1.00 32.34  ? 5   VAL A HG12 1 
ATOM   88  H HG13 . VAL A 1 5  ? 1.934  -2.632  -4.192 1.00 32.34  ? 5   VAL A HG13 1 
ATOM   89  H HG21 . VAL A 1 5  ? 0.477  -5.102  -3.897 1.00 29.42  ? 5   VAL A HG21 1 
ATOM   90  H HG22 . VAL A 1 5  ? 1.965  -5.120  -3.339 1.00 29.42  ? 5   VAL A HG22 1 
ATOM   91  H HG23 . VAL A 1 5  ? 0.759  -5.549  -2.399 1.00 29.42  ? 5   VAL A HG23 1 
HETATM 92  C C1   . MEA A 1 6  ? 3.526  -0.818  -2.290 1.00 18.07  ? 6   MEA A C1   1 
HETATM 93  N N    . MEA A 1 6  ? 2.475  -0.813  -1.335 1.00 14.98  ? 6   MEA A N    1 
HETATM 94  C CA   . MEA A 1 6  ? 2.288  0.519   -0.775 1.00 18.01  ? 6   MEA A CA   1 
HETATM 95  C C    . MEA A 1 6  ? 1.717  1.501   -1.840 1.00 20.95  ? 6   MEA A C    1 
HETATM 96  O O    . MEA A 1 6  ? 2.461  1.992   -2.714 1.00 20.64  ? 6   MEA A O    1 
HETATM 97  C CB   . MEA A 1 6  ? 3.530  1.084   -0.238 1.00 17.26  ? 6   MEA A CB   1 
HETATM 98  C CG   . MEA A 1 6  ? 3.961  0.381   1.061  1.00 15.39  ? 6   MEA A CG   1 
HETATM 99  C CD1  . MEA A 1 6  ? 5.060  -0.473  1.070  1.00 34.15  ? 6   MEA A CD1  1 
HETATM 100 C CE1  . MEA A 1 6  ? 5.451  -1.096  2.255  1.00 31.46  ? 6   MEA A CE1  1 
HETATM 101 C CZ   . MEA A 1 6  ? 4.742  -0.858  3.434  1.00 21.45  ? 6   MEA A CZ   1 
HETATM 102 C CE2  . MEA A 1 6  ? 3.638  0.003   3.428  1.00 31.75  ? 6   MEA A CE2  1 
HETATM 103 C CD2  . MEA A 1 6  ? 3.253  0.623   2.259  1.00 36.18  ? 6   MEA A CD2  1 
HETATM 104 H HC1  . MEA A 1 6  ? 4.400  -0.891  -1.821 1.00 21.79  ? 6   MEA A HC1  1 
HETATM 105 H HC2  . MEA A 1 6  ? 3.501  0.026   -2.816 1.00 21.79  ? 6   MEA A HC2  1 
HETATM 106 H HC3  . MEA A 1 6  ? 3.413  -1.594  -2.904 1.00 21.79  ? 6   MEA A HC3  1 
HETATM 107 H HA   . MEA A 1 6  ? 1.643  0.413   -0.031 1.00 21.72  ? 6   MEA A HA   1 
HETATM 108 H HB1  . MEA A 1 6  ? 3.390  2.041   -0.051 1.00 20.82  ? 6   MEA A HB1  1 
HETATM 109 H HB2  . MEA A 1 6  ? 4.244  0.980   -0.908 1.00 20.82  ? 6   MEA A HB2  1 
HETATM 110 H HD1  . MEA A 1 6  ? 5.556  -0.634  0.251  1.00 41.08  ? 6   MEA A HD1  1 
HETATM 111 H HE1  . MEA A 1 6  ? 6.226  -1.703  2.263  1.00 37.86  ? 6   MEA A HE1  1 
HETATM 112 H HZ   . MEA A 1 6  ? 5.022  -1.300  4.279  1.00 25.85  ? 6   MEA A HZ   1 
HETATM 113 H HE2  . MEA A 1 6  ? 3.148  0.162   4.241  1.00 38.21  ? 6   MEA A HE2  1 
HETATM 114 H HD2  . MEA A 1 6  ? 2.477  1.179   2.481  1.00 43.53  ? 6   MEA A HD2  1 
ATOM   115 N N    . PHE A 1 7  ? 0.420  1.784   -1.756 1.00 16.24  ? 7   PHE A N    1 
ATOM   116 C CA   . PHE A 1 7  ? -0.232 2.669   -2.715 1.00 25.11  ? 7   PHE A CA   1 
ATOM   117 C C    . PHE A 1 7  ? -0.089 4.141   -2.325 1.00 22.22  ? 7   PHE A C    1 
ATOM   118 O O    . PHE A 1 7  ? -0.180 4.494   -1.152 1.00 21.98  ? 7   PHE A O    1 
ATOM   119 C CB   . PHE A 1 7  ? -1.717 2.315   -2.837 1.00 17.08  ? 7   PHE A CB   1 
ATOM   120 C CG   . PHE A 1 7  ? -1.971 0.925   -3.351 1.00 23.64  ? 7   PHE A CG   1 
ATOM   121 C CD1  . PHE A 1 7  ? -1.992 0.667   -4.713 1.00 28.34  ? 7   PHE A CD1  1 
ATOM   122 C CD2  . PHE A 1 7  ? -2.195 -0.121  -2.475 1.00 16.90  ? 7   PHE A CD2  1 
ATOM   123 C CE1  . PHE A 1 7  ? -2.228 -0.610  -5.188 1.00 30.04  ? 7   PHE A CE1  1 
ATOM   124 C CE2  . PHE A 1 7  ? -2.430 -1.400  -2.944 1.00 15.91  ? 7   PHE A CE2  1 
ATOM   125 C CZ   . PHE A 1 7  ? -2.449 -1.643  -4.301 1.00 19.90  ? 7   PHE A CZ   1 
ATOM   126 H H    . PHE A 1 7  ? -0.106 1.474   -1.150 1.00 19.60  ? 7   PHE A H    1 
ATOM   127 H HA   . PHE A 1 7  ? 0.193  2.549   -3.579 1.00 30.24  ? 7   PHE A HA   1 
ATOM   128 H HB2  . PHE A 1 7  ? -2.127 2.385   -1.962 1.00 20.60  ? 7   PHE A HB2  1 
ATOM   129 H HB3  . PHE A 1 7  ? -2.136 2.938   -3.451 1.00 20.60  ? 7   PHE A HB3  1 
ATOM   130 H HD1  . PHE A 1 7  ? -1.846 1.362   -5.314 1.00 34.11  ? 7   PHE A HD1  1 
ATOM   131 H HD2  . PHE A 1 7  ? -2.189 0.038   -1.559 1.00 20.39  ? 7   PHE A HD2  1 
ATOM   132 H HE1  . PHE A 1 7  ? -2.239 -0.773  -6.104 1.00 36.15  ? 7   PHE A HE1  1 
ATOM   133 H HE2  . PHE A 1 7  ? -2.575 -2.097  -2.345 1.00 19.21  ? 7   PHE A HE2  1 
ATOM   134 H HZ   . PHE A 1 7  ? -2.611 -2.503  -4.619 1.00 23.99  ? 7   PHE A HZ   1 
ATOM   135 N N    . ALA A 1 8  ? 0.129  4.992   -3.324 1.00 19.94  ? 8   ALA A N    1 
ATOM   136 C CA   . ALA A 1 8  ? 0.191  6.429   -3.110 1.00 22.41  ? 8   ALA A CA   1 
ATOM   137 C C    . ALA A 1 8  ? -1.209 7.036   -3.119 1.00 36.69  ? 8   ALA A C    1 
ATOM   138 O O    . ALA A 1 8  ? -2.162 6.450   -3.639 1.00 46.02  ? 8   ALA A O    1 
ATOM   139 C CB   . ALA A 1 8  ? 1.044  7.089   -4.189 1.00 35.70  ? 8   ALA A CB   1 
ATOM   140 H H    . ALA A 1 8  ? 0.244  4.758   -4.143 1.00 23.71  ? 8   ALA A H    1 
ATOM   141 H HA   . ALA A 1 8  ? 0.596  6.607   -2.246 1.00 27.00  ? 8   ALA A HA   1 
ATOM   142 H HB1  . ALA A 1 8  ? 1.085  8.044   -4.020 1.00 42.96  ? 8   ALA A HB1  1 
ATOM   143 H HB2  . ALA A 1 8  ? 1.937  6.711   -4.162 1.00 42.96  ? 8   ALA A HB2  1 
ATOM   144 H HB3  . ALA A 1 8  ? 0.641  6.924   -5.056 1.00 42.96  ? 8   ALA A HB3  1 
ATOM   145 N N    . LYS A 1 9  ? -1.328 8.230   -2.545 1.00 53.85  ? 9   LYS A N    1 
ATOM   146 C CA   . LYS A 1 9  ? -2.610 8.932   -2.572 1.00 69.97  ? 9   LYS A CA   1 
ATOM   147 C C    . LYS A 1 9  ? -2.526 10.438  -2.308 1.00 55.37  ? 9   LYS A C    1 
ATOM   148 O O    . LYS A 1 9  ? -3.340 10.982  -1.561 1.00 56.06  ? 9   LYS A O    1 
ATOM   149 C CB   . LYS A 1 9  ? -3.577 8.310   -1.555 1.00 84.09  ? 9   LYS A CB   1 
ATOM   150 C CG   . LYS A 1 9  ? -5.039 8.608   -1.876 1.00 100.55 ? 9   LYS A CG   1 
ATOM   151 C CD   . LYS A 1 9  ? -5.911 8.708   -0.635 1.00 102.17 ? 9   LYS A CD   1 
ATOM   152 C CE   . LYS A 1 9  ? -7.184 9.477   -0.951 1.00 92.95  ? 9   LYS A CE   1 
ATOM   153 N NZ   . LYS A 1 9  ? -8.144 9.506   0.182  1.00 76.69  ? 9   LYS A NZ   1 
ATOM   154 H H    . LYS A 1 9  ? -0.695 8.648   -2.141 1.00 64.73  ? 9   LYS A H    1 
ATOM   155 H HA   . LYS A 1 9  ? -2.950 8.833   -3.474 1.00 84.08  ? 9   LYS A HA   1 
ATOM   156 H HB2  . LYS A 1 9  ? -3.460 7.347   -1.556 1.00 101.02 ? 9   LYS A HB2  1 
ATOM   157 H HB3  . LYS A 1 9  ? -3.383 8.668   -0.675 1.00 101.02 ? 9   LYS A HB3  1 
ATOM   158 H HG2  . LYS A 1 9  ? -5.093 9.454   -2.346 1.00 120.77 ? 9   LYS A HG2  1 
ATOM   159 H HG3  . LYS A 1 9  ? -5.392 7.896   -2.432 1.00 120.77 ? 9   LYS A HG3  1 
ATOM   160 H HD2  . LYS A 1 9  ? -6.153 7.817   -0.334 1.00 122.71 ? 9   LYS A HD2  1 
ATOM   161 H HD3  . LYS A 1 9  ? -5.431 9.176   0.065  1.00 122.71 ? 9   LYS A HD3  1 
ATOM   162 H HE2  . LYS A 1 9  ? -6.953 10.393  -1.169 1.00 111.65 ? 9   LYS A HE2  1 
ATOM   163 H HE3  . LYS A 1 9  ? -7.627 9.058   -1.706 1.00 111.65 ? 9   LYS A HE3  1 
ATOM   164 H HZ1  . LYS A 1 9  ? -8.795 10.089  0.014  1.00 92.14  ? 9   LYS A HZ1  1 
ATOM   165 H HZ2  . LYS A 1 9  ? -8.501 8.700   0.299  1.00 92.14  ? 9   LYS A HZ2  1 
ATOM   166 H HZ3  . LYS A 1 9  ? -7.726 9.748   0.929  1.00 92.14  ? 9   LYS A HZ3  1 
HETATM 167 N N    . ORN A 1 10 ? 0.023  14.120  0.979  1.00 82.71  ? 10  ORN A N    1 
HETATM 168 C CA   . ORN A 1 10 ? -0.623 12.798  0.766  1.00 80.04  ? 10  ORN A CA   1 
HETATM 169 C CB   . ORN A 1 10 ? -0.126 12.132  -0.549 1.00 79.62  ? 10  ORN A CB   1 
HETATM 170 C CG   . ORN A 1 10 ? -0.255 13.005  -1.811 1.00 78.75  ? 10  ORN A CG   1 
HETATM 171 C CD   . ORN A 1 10 ? -1.396 12.588  -2.784 1.00 70.22  ? 10  ORN A CD   1 
HETATM 172 N NE   . ORN A 1 10 ? -1.527 11.137  -2.951 1.00 63.86  ? 10  ORN A NE   1 
HETATM 173 C C    . ORN A 1 10 ? -0.318 11.851  1.942  1.00 76.09  ? 10  ORN A C    1 
HETATM 174 O O    . ORN A 1 10 ? 0.147  12.249  3.014  1.00 73.39  ? 10  ORN A O    1 
HETATM 175 H H2   . ORN A 1 10 ? -0.345 14.864  0.381  1.00 99.37  ? 10  ORN A H2   1 
HETATM 176 H H    . ORN A 1 10 ? -0.075 14.482  1.931  1.00 99.37  ? 10  ORN A H    1 
HETATM 177 H HA   . ORN A 1 10 ? -1.696 13.007  0.743  1.00 96.16  ? 10  ORN A HA   1 
HETATM 178 H HB2  . ORN A 1 10 ? 0.938  11.883  -0.430 1.00 95.65  ? 10  ORN A HB2  1 
HETATM 179 H HB3  . ORN A 1 10 ? -0.717 11.221  -0.720 1.00 95.65  ? 10  ORN A HB3  1 
HETATM 180 H HG2  . ORN A 1 10 ? 0.696  12.970  -2.355 1.00 94.61  ? 10  ORN A HG2  1 
HETATM 181 H HG3  . ORN A 1 10 ? -0.428 14.042  -1.499 1.00 94.61  ? 10  ORN A HG3  1 
HETATM 182 H HD2  . ORN A 1 10 ? -2.340 12.974  -2.391 1.00 84.37  ? 10  ORN A HD2  1 
HETATM 183 H HD3  . ORN A 1 10 ? -1.190 13.028  -3.763 1.00 84.37  ? 10  ORN A HD3  1 
HETATM 184 H HE1  . ORN A 1 10 ? -0.862 10.696  -3.582 1.00 76.74  ? 10  ORN A HE1  1 
ATOM   185 N N    . ALA A 1 11 ? -0.590 10.534  1.687  1.00 74.11  ? 11  ALA A N    1 
ATOM   186 C CA   . ALA A 1 11 ? -0.353 9.473   2.642  1.00 54.05  ? 11  ALA A CA   1 
ATOM   187 C C    . ALA A 1 11 ? -0.170 8.209   1.820  1.00 43.58  ? 11  ALA A C    1 
ATOM   188 O O    . ALA A 1 11 ? -0.647 8.123   0.688  1.00 28.30  ? 11  ALA A O    1 
ATOM   189 C CB   . ALA A 1 11 ? -1.498 9.338   3.622  1.00 44.76  ? 11  ALA A CB   1 
ATOM   190 H H    . ALA A 1 11 ? -0.920 10.250  0.944  1.00 89.05  ? 11  ALA A H    1 
ATOM   191 H HA   . ALA A 1 11 ? 0.424  9.649   3.195  1.00 64.97  ? 11  ALA A HA   1 
ATOM   192 H HB1  . ALA A 1 11 ? -1.318 8.593   4.217  1.00 53.82  ? 11  ALA A HB1  1 
ATOM   193 H HB2  . ALA A 1 11 ? -1.575 10.159  4.133  1.00 53.82  ? 11  ALA A HB2  1 
ATOM   194 H HB3  . ALA A 1 11 ? -2.318 9.177   3.130  1.00 53.82  ? 11  ALA A HB3  1 
ATOM   195 N N    . ILE A 1 12 ? 0.548  7.243   2.373  1.00 26.86  ? 12  ILE A N    1 
ATOM   196 C CA   . ILE A 1 12 ? 0.770  5.960   1.724  1.00 17.28  ? 12  ILE A CA   1 
ATOM   197 C C    . ILE A 1 12 ? -0.082 4.926   2.445  1.00 15.93  ? 12  ILE A C    1 
ATOM   198 O O    . ILE A 1 12 ? -0.184 4.941   3.677  1.00 21.07  ? 12  ILE A O    1 
ATOM   199 C CB   . ILE A 1 12 ? 2.267  5.593   1.744  1.00 18.02  ? 12  ILE A CB   1 
ATOM   200 C CG1  . ILE A 1 12 ? 3.074  6.671   1.007  1.00 20.21  ? 12  ILE A CG1  1 
ATOM   201 C CG2  . ILE A 1 12 ? 2.500  4.253   1.096  1.00 31.60  ? 12  ILE A CG2  1 
ATOM   202 C CD1  . ILE A 1 12 ? 4.525  6.749   1.420  1.00 49.34  ? 12  ILE A CD1  1 
ATOM   203 H H    . ILE A 1 12 ? 0.925  7.312   3.142  1.00 32.34  ? 12  ILE A H    1 
ATOM   204 H HA   . ILE A 1 12 ? 0.486  5.988   0.798  1.00 20.85  ? 12  ILE A HA   1 
ATOM   205 H HB   . ILE A 1 12 ? 2.557  5.546   2.667  1.00 21.73  ? 12  ILE A HB   1 
ATOM   206 H HG12 . ILE A 1 12 ? 3.049  6.481   0.056  1.00 24.37  ? 12  ILE A HG12 1 
ATOM   207 H HG13 . ILE A 1 12 ? 2.671  7.536   1.183  1.00 24.37  ? 12  ILE A HG13 1 
ATOM   208 H HG21 . ILE A 1 12 ? 3.455  4.092   1.037  1.00 38.03  ? 12  ILE A HG21 1 
ATOM   209 H HG22 . ILE A 1 12 ? 2.081  3.564   1.635  1.00 38.03  ? 12  ILE A HG22 1 
ATOM   210 H HG23 . ILE A 1 12 ? 2.110  4.259   0.207  1.00 38.03  ? 12  ILE A HG23 1 
ATOM   211 H HD11 . ILE A 1 12 ? 4.981  7.391   0.853  1.00 59.32  ? 12  ILE A HD11 1 
ATOM   212 H HD12 . ILE A 1 12 ? 4.574  7.031   2.347  1.00 59.32  ? 12  ILE A HD12 1 
ATOM   213 H HD13 . ILE A 1 12 ? 4.930  5.873   1.318  1.00 59.32  ? 12  ILE A HD13 1 
ATOM   214 N N    . ILE A 1 13 ? -0.725 4.054   1.676  1.00 14.40  ? 13  ILE A N    1 
ATOM   215 C CA   . ILE A 1 13 ? -1.614 3.036   2.224  1.00 13.09  ? 13  ILE A CA   1 
ATOM   216 C C    . ILE A 1 13 ? -1.040 1.676   1.857  1.00 12.64  ? 13  ILE A C    1 
ATOM   217 O O    . ILE A 1 13 ? -0.901 1.353   0.670  1.00 13.06  ? 13  ILE A O    1 
ATOM   218 C CB   . ILE A 1 13 ? -3.053 3.195   1.709  1.00 23.73  ? 13  ILE A CB   1 
ATOM   219 C CG1  . ILE A 1 13 ? -3.610 4.555   2.143  1.00 51.82  ? 13  ILE A CG1  1 
ATOM   220 C CG2  . ILE A 1 13 ? -3.936 2.061   2.242  1.00 21.57  ? 13  ILE A CG2  1 
ATOM   221 C CD1  . ILE A 1 13 ? -4.944 4.914   1.532  1.00 76.40  ? 13  ILE A CD1  1 
ATOM   222 H H    . ILE A 1 13 ? -0.659 4.032   0.819  1.00 17.30  ? 13  ILE A H    1 
ATOM   223 H HA   . ILE A 1 13 ? -1.633 3.107   3.190  1.00 15.73  ? 13  ILE A HA   1 
ATOM   224 H HB   . ILE A 1 13 ? -3.047 3.151   0.740  1.00 28.58  ? 13  ILE A HB   1 
ATOM   225 H HG12 . ILE A 1 13 ? -3.722 4.548   3.107  1.00 62.30  ? 13  ILE A HG12 1 
ATOM   226 H HG13 . ILE A 1 13 ? -2.976 5.243   1.887  1.00 62.30  ? 13  ILE A HG13 1 
ATOM   227 H HG21 . ILE A 1 13 ? -4.855 2.231   1.986  1.00 25.99  ? 13  ILE A HG21 1 
ATOM   228 H HG22 . ILE A 1 13 ? -3.636 1.222   1.860  1.00 25.99  ? 13  ILE A HG22 1 
ATOM   229 H HG23 . ILE A 1 13 ? -3.861 2.031   3.208  1.00 25.99  ? 13  ILE A HG23 1 
ATOM   230 H HD11 . ILE A 1 13 ? -5.176 5.820   1.790  1.00 91.79  ? 13  ILE A HD11 1 
ATOM   231 H HD12 . ILE A 1 13 ? -4.877 4.852   0.566  1.00 91.79  ? 13  ILE A HD12 1 
ATOM   232 H HD13 . ILE A 1 13 ? -5.617 4.295   1.856  1.00 91.79  ? 13  ILE A HD13 1 
ATOM   233 N N    . GLY A 1 14 ? -0.700 0.887   2.873  1.00 15.79  ? 14  GLY A N    1 
ATOM   234 C CA   . GLY A 1 14 ? -0.174 -0.452  2.670  1.00 21.07  ? 14  GLY A CA   1 
ATOM   235 C C    . GLY A 1 14 ? -1.267 -1.496  2.801  1.00 12.32  ? 14  GLY A C    1 
ATOM   236 O O    . GLY A 1 14 ? -1.998 -1.526  3.794  1.00 12.04  ? 14  GLY A O    1 
ATOM   237 H H    . GLY A 1 14 ? -0.767 1.113   3.701  1.00 19.06  ? 14  GLY A H    1 
ATOM   238 H HA2  . GLY A 1 14 ? 0.216  -0.519  1.784  1.00 25.40  ? 14  GLY A HA2  1 
ATOM   239 H HA3  . GLY A 1 14 ? 0.512  -0.637  3.331  1.00 25.40  ? 14  GLY A HA3  1 
ATOM   240 N N    . LEU A 1 15 ? -1.373 -2.344  1.780  1.00 11.40  ? 15  LEU A N    1 
ATOM   241 C CA   . LEU A 1 15 ? -2.312 -3.457  1.771  1.00 17.65  ? 15  LEU A CA   1 
ATOM   242 C C    . LEU A 1 15 ? -1.561 -4.750  1.485  1.00 14.67  ? 15  LEU A C    1 
ATOM   243 O O    . LEU A 1 15 ? -0.651 -4.774  0.651  1.00 12.63  ? 15  LEU A O    1 
ATOM   244 C CB   . LEU A 1 15 ? -3.413 -3.268  0.713  1.00 15.61  ? 15  LEU A CB   1 
ATOM   245 C CG   . LEU A 1 15 ? -4.310 -2.032  0.838  1.00 17.79  ? 15  LEU A CG   1 
ATOM   246 C CD1  . LEU A 1 15 ? -5.326 -1.976  -0.299 1.00 16.86  ? 15  LEU A CD1  1 
ATOM   247 C CD2  . LEU A 1 15 ? -5.019 -2.004  2.182  1.00 20.94  ? 15  LEU A CD2  1 
ATOM   248 H H    . LEU A 1 15 ? -0.898 -2.291  1.066  1.00 13.79  ? 15  LEU A H    1 
ATOM   249 H HA   . LEU A 1 15 ? -2.734 -3.522  2.642  1.00 21.29  ? 15  LEU A HA   1 
ATOM   250 H HB2  . LEU A 1 15 ? -2.984 -3.216  -0.156 1.00 18.84  ? 15  LEU A HB2  1 
ATOM   251 H HB3  . LEU A 1 15 ? -3.995 -4.043  0.749  1.00 18.84  ? 15  LEU A HB3  1 
ATOM   252 H HG   . LEU A 1 15 ? -3.749 -1.242  0.781  1.00 21.46  ? 15  LEU A HG   1 
ATOM   253 H HD11 . LEU A 1 15 ? -5.881 -1.188  -0.189 1.00 20.34  ? 15  LEU A HD11 1 
ATOM   254 H HD12 . LEU A 1 15 ? -4.852 -1.931  -1.144 1.00 20.34  ? 15  LEU A HD12 1 
ATOM   255 H HD13 . LEU A 1 15 ? -5.876 -2.774  -0.271 1.00 20.34  ? 15  LEU A HD13 1 
ATOM   256 H HD21 . LEU A 1 15 ? -5.606 -1.233  2.213  1.00 25.24  ? 15  LEU A HD21 1 
ATOM   257 H HD22 . LEU A 1 15 ? -5.536 -2.818  2.281  1.00 25.24  ? 15  LEU A HD22 1 
ATOM   258 H HD23 . LEU A 1 15 ? -4.356 -1.946  2.886  1.00 25.24  ? 15  LEU A HD23 1 
ATOM   259 N N    . MET A 1 16 ? -1.947 -5.819  2.173  1.00 11.68  ? 16  MET A N    1 
ATOM   260 C CA   . MET A 1 16 ? -1.417 -7.148  1.877  1.00 17.56  ? 16  MET A CA   1 
ATOM   261 C C    . MET A 1 16 ? -2.154 -7.690  0.656  1.00 18.12  ? 16  MET A C    1 
ATOM   262 O O    . MET A 1 16 ? -3.298 -8.120  0.774  1.00 15.59  ? 16  MET A O    1 
ATOM   263 C CB   . MET A 1 16 ? -1.587 -8.102  3.061  1.00 27.16  ? 16  MET A CB   1 
ATOM   264 C CG   . MET A 1 16 ? -1.056 -7.583  4.390  1.00 53.69  ? 16  MET A CG   1 
ATOM   265 S SD   . MET A 1 16 ? 0.670  -7.060  4.336  1.00 67.02  ? 16  MET A SD   1 
ATOM   266 C CE   . MET A 1 16 ? 1.473  -8.539  3.732  1.00 77.35  ? 16  MET A CE   1 
ATOM   267 H H    . MET A 1 16 ? -2.515 -5.804  2.818  1.00 14.12  ? 16  MET A H    1 
ATOM   268 H HA   . MET A 1 16 ? -0.462 -7.093  1.712  1.00 21.19  ? 16  MET A HA   1 
ATOM   269 H HB2  . MET A 1 16 ? -2.534 -8.281  3.178  1.00 32.70  ? 16  MET A HB2  1 
ATOM   270 H HB3  . MET A 1 16 ? -1.115 -8.926  2.862  1.00 32.70  ? 16  MET A HB3  1 
ATOM   271 H HG2  . MET A 1 16 ? -1.586 -6.816  4.661  1.00 64.54  ? 16  MET A HG2  1 
ATOM   272 H HG3  . MET A 1 16 ? -1.130 -8.286  5.053  1.00 64.54  ? 16  MET A HG3  1 
ATOM   273 H HE1  . MET A 1 16 ? 2.432  -8.395  3.720  1.00 92.93  ? 16  MET A HE1  1 
ATOM   274 H HE2  . MET A 1 16 ? 1.258  -9.279  4.322  1.00 92.93  ? 16  MET A HE2  1 
ATOM   275 H HE3  . MET A 1 16 ? 1.156  -8.728  2.835  1.00 92.93  ? 16  MET A HE3  1 
HETATM 276 O O    . HOH B 2 .  ? 0.259  14.482  3.811  1.00 53.76  ? 101 HOH A O    1 
HETATM 277 O O    . HOH B 2 .  ? 5.075  -4.442  -2.910 1.00 31.69  ? 102 HOH A O    1 
HETATM 278 O O    . HOH B 2 .  ? 0.665  -8.906  -4.958 1.00 36.54  ? 103 HOH A O    1 
HETATM 279 O O    . HOH B 2 .  ? -3.929 -5.378  4.186  1.00 16.56  ? 104 HOH A O    1 
HETATM 280 O O    . HOH B 2 .  ? -1.534 15.851  2.724  1.00 112.92 ? 105 HOH A O    1 
HETATM 281 O O    . HOH B 2 .  ? 7.670  -13.255 -6.624 1.00 39.12  ? 106 HOH A O    1 
HETATM 282 O O    . HOH B 2 .  ? 3.522  -13.100 -3.838 1.00 32.44  ? 107 HOH A O    1 
HETATM 283 O O    . HOH B 2 .  ? 9.292  -11.512 -6.925 1.00 30.72  ? 108 HOH A O    1 
HETATM 284 O O    . HOH B 2 .  ? -2.103 15.652  -2.332 1.00 60.11  ? 109 HOH A O    1 
HETATM 285 O O    . HOH B 2 .  ? -3.351 -11.659 -5.893 1.00 34.75  ? 110 HOH A O    1 
HETATM 286 O O    . HOH B 2 .  ? -4.137 -14.706 -2.783 1.00 44.73  ? 111 HOH A O    1 
HETATM 287 O O    . HOH B 2 .  ? -5.191 -14.550 -1.073 1.00 29.47  ? 112 HOH A O    1 
HETATM 288 O O    . HOH B 2 .  ? 7.310  -15.185 -5.920 1.00 44.04  ? 113 HOH A O    1 
# 
loop_
_atom_site_anisotrop.id 
_atom_site_anisotrop.type_symbol 
_atom_site_anisotrop.pdbx_label_atom_id 
_atom_site_anisotrop.pdbx_label_alt_id 
_atom_site_anisotrop.pdbx_label_comp_id 
_atom_site_anisotrop.pdbx_label_asym_id 
_atom_site_anisotrop.pdbx_label_seq_id 
_atom_site_anisotrop.pdbx_PDB_ins_code 
_atom_site_anisotrop.U[1][1] 
_atom_site_anisotrop.U[2][2] 
_atom_site_anisotrop.U[3][3] 
_atom_site_anisotrop.U[1][2] 
_atom_site_anisotrop.U[1][3] 
_atom_site_anisotrop.U[2][3] 
_atom_site_anisotrop.pdbx_auth_seq_id 
_atom_site_anisotrop.pdbx_auth_comp_id 
_atom_site_anisotrop.pdbx_auth_asym_id 
_atom_site_anisotrop.pdbx_auth_atom_id 
1   N N   . VAL A 1  ? 0.1821 0.2135 0.2449 -0.0030 -0.0258 -0.0392 1  VAL A N   
2   C CA  . VAL A 1  ? 0.2017 0.2420 0.2637 0.0044  -0.0278 -0.0498 1  VAL A CA  
3   C C   . VAL A 1  ? 0.1152 0.1666 0.1997 0.0066  -0.0294 -0.0611 1  VAL A C   
4   O O   . VAL A 1  ? 0.1490 0.2085 0.2356 0.0063  -0.0250 -0.0643 1  VAL A O   
5   C CB  . VAL A 1  ? 0.2667 0.3074 0.3013 0.0085  -0.0232 -0.0474 1  VAL A CB  
6   C CG1 . VAL A 1  ? 0.3241 0.3725 0.3483 0.0199  -0.0291 -0.0597 1  VAL A CG1 
7   C CG2 . VAL A 1  ? 0.2633 0.2903 0.2807 0.0065  -0.0221 -0.0357 1  VAL A CG2 
17  N N   . ORN A 2  ? 0.3049 0.3667 0.4903 0.0084  -0.0412 -0.0810 2  ORN A N   
18  C CA  . ORN A 2  ? 0.1850 0.2462 0.3382 0.0052  -0.0354 -0.0732 2  ORN A CA  
19  C CB  . ORN A 2  ? 0.1172 0.1622 0.2571 0.0030  -0.0362 -0.0623 2  ORN A CB  
20  C CG  . ORN A 2  ? 0.1582 0.2059 0.3102 0.0060  -0.0364 -0.0722 2  ORN A CG  
21  C CD  . ORN A 2  ? 0.2990 0.3590 0.4335 0.0108  -0.0365 -0.0812 2  ORN A CD  
22  N NE  . ORN A 2  ? 0.1488 0.2005 0.2557 0.0084  -0.0342 -0.0692 2  ORN A NE  
23  C C   . ORN A 2  ? 0.1057 0.1679 0.2521 0.0013  -0.0328 -0.0672 2  ORN A C   
24  O O   . ORN A 2  ? 0.1153 0.1793 0.2822 0.0016  -0.0379 -0.0698 2  ORN A O   
35  N N   . LYS A 3  ? 0.1285 0.1890 0.2498 -0.0019 -0.0256 -0.0605 3  LYS A N   
36  C CA  . LYS A 3  ? 0.1404 0.2016 0.2611 -0.0071 -0.0207 -0.0565 3  LYS A CA  
37  C C   . LYS A 3  ? 0.1409 0.1892 0.2389 -0.0106 -0.0196 -0.0446 3  LYS A C   
38  O O   . LYS A 3  ? 0.1369 0.1795 0.2145 -0.0087 -0.0179 -0.0406 3  LYS A O   
39  C CB  . LYS A 3  ? 0.3577 0.4315 0.4782 -0.0083 -0.0059 -0.0637 3  LYS A CB  
40  C CG  . LYS A 3  ? 0.6736 0.7634 0.8201 -0.0053 -0.0042 -0.0792 3  LYS A CG  
41  C CD  . LYS A 3  ? 0.8574 0.9565 0.9886 -0.0048 0.0142  -0.0855 3  LYS A CD  
42  C CE  . LYS A 3  ? 0.8495 0.9674 1.0101 -0.0027 0.0187  -0.1043 3  LYS A CE  
43  N NZ  . LYS A 3  ? 0.7808 0.9063 0.9210 -0.0026 0.0414  -0.1102 3  LYS A NZ  
57  N N   . LEU A 4  ? 0.1581 0.2030 0.2637 -0.0145 -0.0224 -0.0421 4  LEU A N   
58  C CA  . LEU A 4  ? 0.1618 0.1964 0.2517 -0.0182 -0.0208 -0.0342 4  LEU A CA  
59  C C   . LEU A 4  ? 0.2181 0.2537 0.3012 -0.0219 -0.0054 -0.0318 4  LEU A C   
60  O O   . LEU A 4  ? 0.1644 0.2080 0.2660 -0.0261 0.0043  -0.0370 4  LEU A O   
61  C CB  . LEU A 4  ? 0.1941 0.2262 0.2965 -0.0195 -0.0308 -0.0362 4  LEU A CB  
62  C CG  . LEU A 4  ? 0.2483 0.2723 0.3423 -0.0235 -0.0298 -0.0327 4  LEU A CG  
63  C CD1 . LEU A 4  ? 0.2175 0.2293 0.2845 -0.0221 -0.0299 -0.0245 4  LEU A CD1 
64  C CD2 . LEU A 4  ? 0.2118 0.2361 0.3194 -0.0220 -0.0440 -0.0401 4  LEU A CD2 
76  N N   . VAL A 5  ? 0.1344 0.1601 0.1921 -0.0201 -0.0022 -0.0239 5  VAL A N   
77  C CA  . VAL A 5  ? 0.3173 0.3366 0.3584 -0.0210 0.0122  -0.0176 5  VAL A CA  
78  C C   . VAL A 5  ? 0.2020 0.2068 0.2393 -0.0250 0.0137  -0.0094 5  VAL A C   
79  O O   . VAL A 5  ? 0.1526 0.1518 0.1838 -0.0228 0.0030  -0.0080 5  VAL A O   
80  C CB  . VAL A 5  ? 0.2461 0.2630 0.2584 -0.0115 0.0112  -0.0164 5  VAL A CB  
81  C CG1 . VAL A 5  ? 0.3441 0.3486 0.3279 -0.0096 0.0263  -0.0069 5  VAL A CG1 
82  C CG2 . VAL A 5  ? 0.2912 0.3236 0.3132 -0.0072 0.0077  -0.0283 5  VAL A CG2 
92  C C1  . MEA A 6  ? 0.2112 0.2134 0.2619 -0.0355 0.0479  -0.0059 6  MEA A C1  
93  N N   . MEA A 6  ? 0.1755 0.1741 0.2196 -0.0314 0.0287  -0.0052 6  MEA A N   
94  C CA  . MEA A 6  ? 0.2173 0.2019 0.2650 -0.0356 0.0299  0.0006  6  MEA A CA  
95  C C   . MEA A 6  ? 0.2718 0.2351 0.2890 -0.0321 0.0415  0.0155  6  MEA A C   
96  O O   . MEA A 6  ? 0.2722 0.2264 0.2857 -0.0361 0.0619  0.0226  6  MEA A O   
97  C CB  . MEA A 6  ? 0.1943 0.1831 0.2786 -0.0452 0.0368  -0.0062 6  MEA A CB  
98  C CG  . MEA A 6  ? 0.1572 0.1615 0.2659 -0.0450 0.0185  -0.0204 6  MEA A CG  
99  C CD1 . MEA A 6  ? 0.3804 0.4011 0.5159 -0.0463 0.0176  -0.0319 6  MEA A CD1 
100 C CE1 . MEA A 6  ? 0.3378 0.3677 0.4898 -0.0427 -0.0024 -0.0433 6  MEA A CE1 
101 C CZ  . MEA A 6  ? 0.2188 0.2411 0.3551 -0.0388 -0.0182 -0.0427 6  MEA A CZ  
102 C CE2 . MEA A 6  ? 0.3617 0.3702 0.4745 -0.0395 -0.0140 -0.0330 6  MEA A CE2 
103 C CD2 . MEA A 6  ? 0.4243 0.4241 0.5263 -0.0422 0.0026  -0.0225 6  MEA A CD2 
115 N N   . PHE A 7  ? 0.2225 0.1761 0.2187 -0.0242 0.0295  0.0200  7  PHE A N   
116 C CA  . PHE A 7  ? 0.3529 0.2836 0.3173 -0.0168 0.0342  0.0338  7  PHE A CA  
117 C C   . PHE A 7  ? 0.3190 0.2300 0.2954 -0.0227 0.0414  0.0419  7  PHE A C   
118 O O   . PHE A 7  ? 0.3052 0.2215 0.3085 -0.0279 0.0331  0.0337  7  PHE A O   
119 C CB  . PHE A 7  ? 0.2578 0.1886 0.2024 -0.0040 0.0152  0.0310  7  PHE A CB  
120 C CG  . PHE A 7  ? 0.3380 0.2860 0.2741 0.0028  0.0080  0.0216  7  PHE A CG  
121 C CD1 . PHE A 7  ? 0.4104 0.3535 0.3128 0.0128  0.0117  0.0253  7  PHE A CD1 
122 C CD2 . PHE A 7  ? 0.2384 0.2053 0.1984 0.0000  -0.0018 0.0088  7  PHE A CD2 
123 C CE1 . PHE A 7  ? 0.4271 0.3877 0.3264 0.0195  0.0039  0.0127  7  PHE A CE1 
124 C CE2 . PHE A 7  ? 0.2214 0.2027 0.1805 0.0057  -0.0076 -0.0009 7  PHE A CE2 
125 C CZ  . PHE A 7  ? 0.2814 0.2614 0.2133 0.0153  -0.0057 -0.0007 7  PHE A CZ  
135 N N   . ALA A 8  ? 0.3057 0.1919 0.2601 -0.0211 0.0575  0.0583  8  ALA A N   
136 C CA  . ALA A 8  ? 0.3413 0.2030 0.3072 -0.0257 0.0659  0.0681  8  ALA A CA  
137 C C   . ALA A 8  ? 0.5346 0.3795 0.4800 -0.0129 0.0482  0.0737  8  ALA A C   
138 O O   . ALA A 8  ? 0.6619 0.5092 0.5773 0.0009  0.0333  0.0732  8  ALA A O   
139 C CB  . ALA A 8  ? 0.5231 0.3596 0.4738 -0.0299 0.0950  0.0860  8  ALA A CB  
145 N N   . LYS A 9  ? 0.7499 0.5788 0.7173 -0.0169 0.0488  0.0762  9  LYS A N   
146 C CA  . LYS A 9  ? 0.9642 0.7756 0.9187 -0.0044 0.0326  0.0805  9  LYS A CA  
147 C C   . LYS A 9  ? 0.7815 0.5652 0.7569 -0.0084 0.0398  0.0886  9  LYS A C   
148 O O   . LYS A 9  ? 0.7837 0.5676 0.7788 -0.0051 0.0250  0.0792  9  LYS A O   
149 C CB  . LYS A 9  ? 1.1286 0.9662 1.1002 -0.0013 0.0106  0.0601  9  LYS A CB  
150 C CG  . LYS A 9  ? 1.3461 1.1728 1.3017 0.0152  -0.0083 0.0604  9  LYS A CG  
151 C CD  . LYS A 9  ? 1.3504 1.1930 1.3384 0.0138  -0.0216 0.0412  9  LYS A CD  
152 C CE  . LYS A 9  ? 1.2404 1.0659 1.2255 0.0288  -0.0373 0.0417  9  LYS A CE  
153 N NZ  . LYS A 9  ? 1.0176 0.8607 1.0357 0.0280  -0.0475 0.0203  9  LYS A NZ  
167 N N   . ORN A 10 ? 1.0638 0.8590 1.2199 -0.0526 0.0623  0.0449  10 ORN A N   
168 C CA  . ORN A 10 ? 1.0386 0.8397 1.1629 -0.0463 0.0532  0.0485  10 ORN A CA  
169 C CB  . ORN A 10 ? 1.0485 0.8387 1.1380 -0.0455 0.0704  0.0687  10 ORN A CB  
170 C CG  . ORN A 10 ? 1.0604 0.8149 1.1169 -0.0391 0.0830  0.0940  10 ORN A CG  
171 C CD  . ORN A 10 ? 0.9790 0.7119 0.9770 -0.0206 0.0731  0.1125  10 ORN A CD  
172 N NE  . ORN A 10 ? 0.8978 0.6563 0.8722 -0.0160 0.0656  0.1057  10 ORN A NE  
173 C C   . ORN A 10 ? 0.9697 0.8060 1.1154 -0.0515 0.0416  0.0244  10 ORN A C   
174 O O   . ORN A 10 ? 0.9188 0.7737 1.0958 -0.0561 0.0355  0.0045  10 ORN A O   
185 N N   . ALA A 11 ? 0.9498 0.8021 1.0641 -0.0462 0.0350  0.0259  11 ALA A N   
186 C CA  . ALA A 11 ? 0.6835 0.5665 0.8037 -0.0481 0.0234  0.0078  11 ALA A CA  
187 C C   . ALA A 11 ? 0.5572 0.4495 0.6492 -0.0450 0.0266  0.0161  11 ALA A C   
188 O O   . ALA A 11 ? 0.3788 0.2568 0.4397 -0.0381 0.0316  0.0321  11 ALA A O   
189 C CB  . ALA A 11 ? 0.5649 0.4573 0.6784 -0.0416 0.0060  -0.0043 11 ALA A CB  
195 N N   . ILE A 12 ? 0.3343 0.2495 0.4366 -0.0487 0.0224  0.0042  12 ILE A N   
196 C CA  . ILE A 12 ? 0.2159 0.1424 0.2985 -0.0459 0.0240  0.0081  12 ILE A CA  
197 C C   . ILE A 12 ? 0.1992 0.1399 0.2662 -0.0394 0.0072  0.0005  12 ILE A C   
198 O O   . ILE A 12 ? 0.2584 0.2066 0.3355 -0.0402 -0.0030 -0.0115 12 ILE A O   
199 C CB  . ILE A 12 ? 0.2109 0.1510 0.3227 -0.0544 0.0327  0.0000  12 ILE A CB  
200 C CG1 . ILE A 12 ? 0.2373 0.1610 0.3698 -0.0630 0.0556  0.0076  12 ILE A CG1 
201 C CG2 . ILE A 12 ? 0.3841 0.3370 0.4797 -0.0511 0.0339  0.0016  12 ILE A CG2 
202 C CD1 . ILE A 12 ? 0.5843 0.5227 0.7678 -0.0736 0.0627  -0.0082 12 ILE A CD1 
214 N N   . ILE A 13 ? 0.1877 0.1302 0.2294 -0.0325 0.0057  0.0067  13 ILE A N   
215 C CA  . ILE A 13 ? 0.1709 0.1240 0.2026 -0.0273 -0.0060 0.0004  13 ILE A CA  
216 C C   . ILE A 13 ? 0.1615 0.1279 0.1907 -0.0268 -0.0057 -0.0012 13 ILE A C   
217 O O   . ILE A 13 ? 0.1709 0.1367 0.1886 -0.0238 0.0005  0.0044  13 ILE A O   
218 C CB  . ILE A 13 ? 0.3136 0.2589 0.3289 -0.0186 -0.0110 0.0038  13 ILE A CB  
219 C CG1 . ILE A 13 ? 0.6713 0.6032 0.6944 -0.0184 -0.0126 0.0035  13 ILE A CG1 
220 C CG2 . ILE A 13 ? 0.2828 0.2398 0.2968 -0.0154 -0.0185 -0.0045 13 ILE A CG2 
221 C CD1 . ILE A 13 ? 0.9893 0.9118 1.0020 -0.0080 -0.0196 0.0056  13 ILE A CD1 
233 N N   . GLY A 14 ? 0.1953 0.1718 0.2329 -0.0284 -0.0127 -0.0090 14 GLY A N   
234 C CA  . GLY A 14 ? 0.2577 0.2453 0.2977 -0.0271 -0.0145 -0.0116 14 GLY A CA  
235 C C   . GLY A 14 ? 0.1500 0.1389 0.1790 -0.0220 -0.0195 -0.0122 14 GLY A C   
236 O O   . GLY A 14 ? 0.1494 0.1341 0.1738 -0.0216 -0.0232 -0.0139 14 GLY A O   
240 N N   . LEU A 15 ? 0.1371 0.1321 0.1639 -0.0183 -0.0179 -0.0123 15 LEU A N   
241 C CA  . LEU A 15 ? 0.2151 0.2135 0.2421 -0.0142 -0.0218 -0.0160 15 LEU A CA  
242 C C   . LEU A 15 ? 0.1708 0.1782 0.2085 -0.0132 -0.0229 -0.0199 15 LEU A C   
243 O O   . LEU A 15 ? 0.1416 0.1560 0.1825 -0.0134 -0.0190 -0.0214 15 LEU A O   
244 C CB  . LEU A 15 ? 0.1920 0.1901 0.2111 -0.0075 -0.0229 -0.0180 15 LEU A CB  
245 C CG  . LEU A 15 ? 0.2251 0.2136 0.2373 -0.0057 -0.0244 -0.0156 15 LEU A CG  
246 C CD1 . LEU A 15 ? 0.2157 0.2044 0.2205 0.0046  -0.0309 -0.0197 15 LEU A CD1 
247 C CD2 . LEU A 15 ? 0.2630 0.2485 0.2841 -0.0096 -0.0244 -0.0190 15 LEU A CD2 
259 N N   . MET A 16 ? 0.1311 0.1368 0.1757 -0.0125 -0.0261 -0.0217 16 MET A N   
260 C CA  . MET A 16 ? 0.1988 0.2109 0.2577 -0.0104 -0.0284 -0.0261 16 MET A CA  
261 C C   . MET A 16 ? 0.2008 0.2219 0.2656 -0.0058 -0.0276 -0.0344 16 MET A C   
262 O O   . MET A 16 ? 0.1673 0.1860 0.2392 -0.0043 -0.0281 -0.0382 16 MET A O   
263 C CB  . MET A 16 ? 0.3229 0.3240 0.3852 -0.0105 -0.0311 -0.0226 16 MET A CB  
264 C CG  . MET A 16 ? 0.6676 0.6574 0.7153 -0.0117 -0.0351 -0.0158 16 MET A CG  
265 S SD  . MET A 16 ? 0.8300 0.8294 0.8873 -0.0115 -0.0429 -0.0201 16 MET A SD  
266 C CE  . MET A 16 ? 0.9500 0.9577 1.0313 -0.0073 -0.0474 -0.0259 16 MET A CE  
# 
loop_
_pdbx_poly_seq_scheme.asym_id 
_pdbx_poly_seq_scheme.entity_id 
_pdbx_poly_seq_scheme.seq_id 
_pdbx_poly_seq_scheme.mon_id 
_pdbx_poly_seq_scheme.ndb_seq_num 
_pdbx_poly_seq_scheme.pdb_seq_num 
_pdbx_poly_seq_scheme.auth_seq_num 
_pdbx_poly_seq_scheme.pdb_mon_id 
_pdbx_poly_seq_scheme.auth_mon_id 
_pdbx_poly_seq_scheme.pdb_strand_id 
_pdbx_poly_seq_scheme.pdb_ins_code 
_pdbx_poly_seq_scheme.hetero 
A 1 1  VAL 1  1  1  VAL VAL A . n 
A 1 2  ORN 2  2  2  ORN ORN A . n 
A 1 3  LYS 3  3  3  LYS LYS A . n 
A 1 4  LEU 4  4  4  LEU LEU A . n 
A 1 5  VAL 5  5  5  VAL VAL A . n 
A 1 6  MEA 6  6  6  MEA MEA A . n 
A 1 7  PHE 7  7  7  PHE PHE A . n 
A 1 8  ALA 8  8  8  ALA ALA A . n 
A 1 9  LYS 9  9  9  LYS LYS A . n 
A 1 10 ORN 10 10 10 ORN ORN A . n 
A 1 11 ALA 11 11 11 ALA ALA A . n 
A 1 12 ILE 12 12 12 ILE ILE A . n 
A 1 13 ILE 13 13 13 ILE ILE A . n 
A 1 14 GLY 14 14 14 GLY GLY A . n 
A 1 15 LEU 15 15 15 LEU LEU A . n 
A 1 16 MET 16 16 16 MET MET A . n 
# 
loop_
_pdbx_nonpoly_scheme.asym_id 
_pdbx_nonpoly_scheme.entity_id 
_pdbx_nonpoly_scheme.mon_id 
_pdbx_nonpoly_scheme.ndb_seq_num 
_pdbx_nonpoly_scheme.pdb_seq_num 
_pdbx_nonpoly_scheme.auth_seq_num 
_pdbx_nonpoly_scheme.pdb_mon_id 
_pdbx_nonpoly_scheme.auth_mon_id 
_pdbx_nonpoly_scheme.pdb_strand_id 
_pdbx_nonpoly_scheme.pdb_ins_code 
B 2 HOH 1  101 12 HOH HOH A . 
B 2 HOH 2  102 2  HOH HOH A . 
B 2 HOH 3  103 10 HOH HOH A . 
B 2 HOH 4  104 1  HOH HOH A . 
B 2 HOH 5  105 3  HOH HOH A . 
B 2 HOH 6  106 9  HOH HOH A . 
B 2 HOH 7  107 8  HOH HOH A . 
B 2 HOH 8  108 5  HOH HOH A . 
B 2 HOH 9  109 13 HOH HOH A . 
B 2 HOH 10 110 6  HOH HOH A . 
B 2 HOH 11 111 11 HOH HOH A . 
B 2 HOH 12 112 4  HOH HOH A . 
B 2 HOH 13 113 7  HOH HOH A . 
# 
_pdbx_struct_assembly.id                   1 
_pdbx_struct_assembly.details              author_and_software_defined_assembly 
_pdbx_struct_assembly.method_details       PISA 
_pdbx_struct_assembly.oligomeric_details   hexameric 
_pdbx_struct_assembly.oligomeric_count     6 
# 
_pdbx_struct_assembly_gen.assembly_id       1 
_pdbx_struct_assembly_gen.oper_expression   1,2,3,4,5,6 
_pdbx_struct_assembly_gen.asym_id_list      A,B 
# 
loop_
_pdbx_struct_assembly_prop.biol_id 
_pdbx_struct_assembly_prop.type 
_pdbx_struct_assembly_prop.value 
_pdbx_struct_assembly_prop.details 
1 'ABSA (A^2)' 4460 ? 
1 MORE         -34  ? 
1 'SSA (A^2)'  6010 ? 
# 
loop_
_pdbx_struct_oper_list.id 
_pdbx_struct_oper_list.type 
_pdbx_struct_oper_list.name 
_pdbx_struct_oper_list.symmetry_operation 
_pdbx_struct_oper_list.matrix[1][1] 
_pdbx_struct_oper_list.matrix[1][2] 
_pdbx_struct_oper_list.matrix[1][3] 
_pdbx_struct_oper_list.vector[1] 
_pdbx_struct_oper_list.matrix[2][1] 
_pdbx_struct_oper_list.matrix[2][2] 
_pdbx_struct_oper_list.matrix[2][3] 
_pdbx_struct_oper_list.vector[2] 
_pdbx_struct_oper_list.matrix[3][1] 
_pdbx_struct_oper_list.matrix[3][2] 
_pdbx_struct_oper_list.matrix[3][3] 
_pdbx_struct_oper_list.vector[3] 
1 'identity operation'         1_555  x,y,z                  1.0000000000  0.0000000000  0.0000000000  0.0000000000  0.0000000000  1.0000000000  0.0000000000  0.0000000000  0.0000000000  0.0000000000  1.0000000000  0.0000000000  
2 'crystal symmetry operation' 2_875  -y+3,x-y+2,z           -0.4323464211 -0.6777808123 0.5947182045  9.5533364620  0.9016026554  -0.3148796478 0.2965863437  -9.3311137648 -0.0137558742 0.6644275566  0.7472260689  1.3699206203  
3 'crystal symmetry operation' 3_685  -x+y+1,-x+3,z          -0.4323464211 0.9016026554  -0.0137558742 12.5621522335 -0.6777808123 -0.3148796478 0.6644275566  2.6266773205  0.5947182045  0.2965863437  0.7472260689  -3.9377025932 
4 'crystal symmetry operation' 10_455 y-1/3,x+1/3,-z+1/3     0.1095023710  0.8131396849  -0.5716756804 10.0537675602 0.8131396849  -0.4040606271 -0.4189735820 -5.9156303750 -0.5716756804 -0.4189735820 -0.7054417439 11.0979797524 
5 'crystal symmetry operation' 11_685 x-y+5/3,-y+10/3,-z+1/3 0.6936498396  -0.7100968191 -0.1208817918 2.7292313433  -0.7100968191 -0.7022776015 0.0506821267  5.0489417570  -0.1208817918 0.0506821267  -0.9913722381 8.5796605971  
6 'crystal symmetry operation' 12_765 -x+8/3,-x+y+4/3,-z+1/3 -0.9384593685 -0.3268647090 0.1115951418  15.8162973914 -0.3268647090 0.7360975243  -0.5927224450 4.8876106087  0.1115951418  -0.5927224450 -0.7976381558 5.5938142066 
# 
loop_
_pdbx_audit_revision_history.ordinal 
_pdbx_audit_revision_history.data_content_type 
_pdbx_audit_revision_history.major_revision 
_pdbx_audit_revision_history.minor_revision 
_pdbx_audit_revision_history.revision_date 
1 'Structure model' 1 0 2021-09-08 
2 'Structure model' 1 1 2022-03-16 
3 'Structure model' 1 2 2022-03-30 
4 'Structure model' 1 3 2023-10-18 
# 
_pdbx_audit_revision_details.ordinal             1 
_pdbx_audit_revision_details.revision_ordinal    1 
_pdbx_audit_revision_details.data_content_type   'Structure model' 
_pdbx_audit_revision_details.provider            repository 
_pdbx_audit_revision_details.type                'Initial release' 
_pdbx_audit_revision_details.description         ? 
_pdbx_audit_revision_details.details             ? 
# 
loop_
_pdbx_audit_revision_group.ordinal 
_pdbx_audit_revision_group.revision_ordinal 
_pdbx_audit_revision_group.data_content_type 
_pdbx_audit_revision_group.group 
1 2 'Structure model' 'Database references'    
2 3 'Structure model' 'Database references'    
3 4 'Structure model' 'Data collection'        
4 4 'Structure model' 'Refinement description' 
# 
loop_
_pdbx_audit_revision_category.ordinal 
_pdbx_audit_revision_category.revision_ordinal 
_pdbx_audit_revision_category.data_content_type 
_pdbx_audit_revision_category.category 
1 2 'Structure model' citation                      
2 2 'Structure model' citation_author               
3 3 'Structure model' citation                      
4 3 'Structure model' citation_author               
5 4 'Structure model' chem_comp_atom                
6 4 'Structure model' chem_comp_bond                
7 4 'Structure model' pdbx_initial_refinement_model 
# 
loop_
_pdbx_audit_revision_item.ordinal 
_pdbx_audit_revision_item.revision_ordinal 
_pdbx_audit_revision_item.data_content_type 
_pdbx_audit_revision_item.item 
1  2 'Structure model' '_citation.country'                 
2  2 'Structure model' '_citation.journal_abbrev'          
3  2 'Structure model' '_citation.journal_id_ASTM'         
4  2 'Structure model' '_citation.journal_id_CSD'          
5  2 'Structure model' '_citation.journal_id_ISSN'         
6  2 'Structure model' '_citation.pdbx_database_id_DOI'    
7  2 'Structure model' '_citation.pdbx_database_id_PubMed' 
8  2 'Structure model' '_citation.title'                   
9  2 'Structure model' '_citation.year'                    
10 3 'Structure model' '_citation.journal_volume'          
11 3 'Structure model' '_citation.page_first'              
12 3 'Structure model' '_citation.page_last'               
13 3 'Structure model' '_citation.title'                   
14 3 'Structure model' '_citation_author.identifier_ORCID' 
# 
_pdbx_refine_tls.id               1 
_pdbx_refine_tls.pdbx_refine_id   'X-RAY DIFFRACTION' 
_pdbx_refine_tls.details          ? 
_pdbx_refine_tls.method           refined 
_pdbx_refine_tls.origin_x         -0.0887 
_pdbx_refine_tls.origin_y         -0.3691 
_pdbx_refine_tls.origin_z         -0.1721 
_pdbx_refine_tls.T[1][1]          0.1638 
_pdbx_refine_tls.T[1][1]_esd      ? 
_pdbx_refine_tls.T[1][2]          -0.0221 
_pdbx_refine_tls.T[1][2]_esd      ? 
_pdbx_refine_tls.T[1][3]          0.0036 
_pdbx_refine_tls.T[1][3]_esd      ? 
_pdbx_refine_tls.T[2][2]          0.1477 
_pdbx_refine_tls.T[2][2]_esd      ? 
_pdbx_refine_tls.T[2][3]          -0.0004 
_pdbx_refine_tls.T[2][3]_esd      ? 
_pdbx_refine_tls.T[3][3]          0.1818 
_pdbx_refine_tls.T[3][3]_esd      ? 
_pdbx_refine_tls.L[1][1]          3.7322 
_pdbx_refine_tls.L[1][1]_esd      ? 
_pdbx_refine_tls.L[1][2]          -1.1755 
_pdbx_refine_tls.L[1][2]_esd      ? 
_pdbx_refine_tls.L[1][3]          -0.2346 
_pdbx_refine_tls.L[1][3]_esd      ? 
_pdbx_refine_tls.L[2][2]          5.0371 
_pdbx_refine_tls.L[2][2]_esd      ? 
_pdbx_refine_tls.L[2][3]          2.1072 
_pdbx_refine_tls.L[2][3]_esd      ? 
_pdbx_refine_tls.L[3][3]          1.3833 
_pdbx_refine_tls.L[3][3]_esd      ? 
_pdbx_refine_tls.S[1][1]          0.1373 
_pdbx_refine_tls.S[1][1]_esd      ? 
_pdbx_refine_tls.S[1][2]          0.2888 
_pdbx_refine_tls.S[1][2]_esd      ? 
_pdbx_refine_tls.S[1][3]          0.2193 
_pdbx_refine_tls.S[1][3]_esd      ? 
_pdbx_refine_tls.S[2][1]          -0.3613 
_pdbx_refine_tls.S[2][1]_esd      ? 
_pdbx_refine_tls.S[2][2]          -0.0346 
_pdbx_refine_tls.S[2][2]_esd      ? 
_pdbx_refine_tls.S[2][3]          -0.3660 
_pdbx_refine_tls.S[2][3]_esd      ? 
_pdbx_refine_tls.S[3][1]          -0.2912 
_pdbx_refine_tls.S[3][1]_esd      ? 
_pdbx_refine_tls.S[3][2]          0.1095 
_pdbx_refine_tls.S[3][2]_esd      ? 
_pdbx_refine_tls.S[3][3]          -0.1334 
_pdbx_refine_tls.S[3][3]_esd      ? 
# 
_pdbx_refine_tls_group.id                  1 
_pdbx_refine_tls_group.pdbx_refine_id      'X-RAY DIFFRACTION' 
_pdbx_refine_tls_group.refine_tls_id       1 
_pdbx_refine_tls_group.beg_label_asym_id   ? 
_pdbx_refine_tls_group.beg_label_seq_id    ? 
_pdbx_refine_tls_group.beg_auth_asym_id    A 
_pdbx_refine_tls_group.beg_auth_seq_id     1 
_pdbx_refine_tls_group.beg_PDB_ins_code    ? 
_pdbx_refine_tls_group.end_label_asym_id   ? 
_pdbx_refine_tls_group.end_label_seq_id    ? 
_pdbx_refine_tls_group.end_auth_asym_id    A 
_pdbx_refine_tls_group.end_auth_seq_id     16 
_pdbx_refine_tls_group.end_PDB_ins_code    ? 
_pdbx_refine_tls_group.selection           ? 
_pdbx_refine_tls_group.selection_details   
;chain 'A' and (resid 1 through 16 )
;
# 
loop_
_software.citation_id 
_software.classification 
_software.compiler_name 
_software.compiler_version 
_software.contact_author 
_software.contact_author_email 
_software.date 
_software.description 
_software.dependencies 
_software.hardware 
_software.language 
_software.location 
_software.mods 
_software.name 
_software.os 
_software.os_version 
_software.type 
_software.version 
_software.pdbx_ordinal 
? refinement        ? ? ? ? ? ? ? ? ? ? ? PHENIX      ? ? ? 1.13_2998 1 
? 'data extraction' ? ? ? ? ? ? ? ? ? ? ? PDB_EXTRACT ? ? ? 3.25      2 
? 'data reduction'  ? ? ? ? ? ? ? ? ? ? ? XDS         ? ? ? .         3 
? 'data scaling'    ? ? ? ? ? ? ? ? ? ? ? Aimless     ? ? ? .         4 
? phasing           ? ? ? ? ? ? ? ? ? ? ? PHENIX      ? ? ? .         5 
# 
_pdbx_entry_details.entry_id                 7JQT 
_pdbx_entry_details.has_ligand_of_interest   N 
_pdbx_entry_details.compound_details         ? 
_pdbx_entry_details.source_details           ? 
_pdbx_entry_details.nonpolymer_details       ? 
_pdbx_entry_details.sequence_details         ? 
# 
loop_
_pdbx_validate_close_contact.id 
_pdbx_validate_close_contact.PDB_model_num 
_pdbx_validate_close_contact.auth_atom_id_1 
_pdbx_validate_close_contact.auth_asym_id_1 
_pdbx_validate_close_contact.auth_comp_id_1 
_pdbx_validate_close_contact.auth_seq_id_1 
_pdbx_validate_close_contact.PDB_ins_code_1 
_pdbx_validate_close_contact.label_alt_id_1 
_pdbx_validate_close_contact.auth_atom_id_2 
_pdbx_validate_close_contact.auth_asym_id_2 
_pdbx_validate_close_contact.auth_comp_id_2 
_pdbx_validate_close_contact.auth_seq_id_2 
_pdbx_validate_close_contact.PDB_ins_code_2 
_pdbx_validate_close_contact.label_alt_id_2 
_pdbx_validate_close_contact.dist 
1 1 O A HOH 111 ? ? O A HOH 112 ? ? 2.01 
2 1 O A HOH 106 ? ? O A HOH 113 ? ? 2.09 
# 
loop_
_chem_comp_atom.comp_id 
_chem_comp_atom.atom_id 
_chem_comp_atom.type_symbol 
_chem_comp_atom.pdbx_aromatic_flag 
_chem_comp_atom.pdbx_stereo_config 
_chem_comp_atom.pdbx_ordinal 
ALA N    N N N 1   
ALA CA   C N S 2   
ALA C    C N N 3   
ALA O    O N N 4   
ALA CB   C N N 5   
ALA OXT  O N N 6   
ALA H    H N N 7   
ALA H2   H N N 8   
ALA HA   H N N 9   
ALA HB1  H N N 10  
ALA HB2  H N N 11  
ALA HB3  H N N 12  
ALA HXT  H N N 13  
GLY N    N N N 14  
GLY CA   C N N 15  
GLY C    C N N 16  
GLY O    O N N 17  
GLY OXT  O N N 18  
GLY H    H N N 19  
GLY H2   H N N 20  
GLY HA2  H N N 21  
GLY HA3  H N N 22  
GLY HXT  H N N 23  
HOH O    O N N 24  
HOH H1   H N N 25  
HOH H2   H N N 26  
ILE N    N N N 27  
ILE CA   C N S 28  
ILE C    C N N 29  
ILE O    O N N 30  
ILE CB   C N S 31  
ILE CG1  C N N 32  
ILE CG2  C N N 33  
ILE CD1  C N N 34  
ILE OXT  O N N 35  
ILE H    H N N 36  
ILE H2   H N N 37  
ILE HA   H N N 38  
ILE HB   H N N 39  
ILE HG12 H N N 40  
ILE HG13 H N N 41  
ILE HG21 H N N 42  
ILE HG22 H N N 43  
ILE HG23 H N N 44  
ILE HD11 H N N 45  
ILE HD12 H N N 46  
ILE HD13 H N N 47  
ILE HXT  H N N 48  
LEU N    N N N 49  
LEU CA   C N S 50  
LEU C    C N N 51  
LEU O    O N N 52  
LEU CB   C N N 53  
LEU CG   C N N 54  
LEU CD1  C N N 55  
LEU CD2  C N N 56  
LEU OXT  O N N 57  
LEU H    H N N 58  
LEU H2   H N N 59  
LEU HA   H N N 60  
LEU HB2  H N N 61  
LEU HB3  H N N 62  
LEU HG   H N N 63  
LEU HD11 H N N 64  
LEU HD12 H N N 65  
LEU HD13 H N N 66  
LEU HD21 H N N 67  
LEU HD22 H N N 68  
LEU HD23 H N N 69  
LEU HXT  H N N 70  
LYS N    N N N 71  
LYS CA   C N S 72  
LYS C    C N N 73  
LYS O    O N N 74  
LYS CB   C N N 75  
LYS CG   C N N 76  
LYS CD   C N N 77  
LYS CE   C N N 78  
LYS NZ   N N N 79  
LYS OXT  O N N 80  
LYS H    H N N 81  
LYS H2   H N N 82  
LYS HA   H N N 83  
LYS HB2  H N N 84  
LYS HB3  H N N 85  
LYS HG2  H N N 86  
LYS HG3  H N N 87  
LYS HD2  H N N 88  
LYS HD3  H N N 89  
LYS HE2  H N N 90  
LYS HE3  H N N 91  
LYS HZ1  H N N 92  
LYS HZ2  H N N 93  
LYS HZ3  H N N 94  
LYS HXT  H N N 95  
MEA C1   C N N 96  
MEA N    N N N 97  
MEA CA   C N S 98  
MEA C    C N N 99  
MEA O    O N N 100 
MEA CB   C N N 101 
MEA CG   C Y N 102 
MEA CD1  C Y N 103 
MEA CE1  C Y N 104 
MEA CZ   C Y N 105 
MEA CE2  C Y N 106 
MEA CD2  C Y N 107 
MEA OXT  O N N 108 
MEA HC1  H N N 109 
MEA HC2  H N N 110 
MEA HC3  H N N 111 
MEA H    H N N 112 
MEA HA   H N N 113 
MEA HB1  H N N 114 
MEA HB2  H N N 115 
MEA HD1  H N N 116 
MEA HE1  H N N 117 
MEA HZ   H N N 118 
MEA HE2  H N N 119 
MEA HD2  H N N 120 
MEA HXT  H N N 121 
MET N    N N N 122 
MET CA   C N S 123 
MET C    C N N 124 
MET O    O N N 125 
MET CB   C N N 126 
MET CG   C N N 127 
MET SD   S N N 128 
MET CE   C N N 129 
MET OXT  O N N 130 
MET H    H N N 131 
MET H2   H N N 132 
MET HA   H N N 133 
MET HB2  H N N 134 
MET HB3  H N N 135 
MET HG2  H N N 136 
MET HG3  H N N 137 
MET HE1  H N N 138 
MET HE2  H N N 139 
MET HE3  H N N 140 
MET HXT  H N N 141 
ORN N    N N N 142 
ORN CA   C N S 143 
ORN CB   C N N 144 
ORN CG   C N N 145 
ORN CD   C N N 146 
ORN NE   N N N 147 
ORN C    C N N 148 
ORN O    O N N 149 
ORN OXT  O N N 150 
ORN H    H N N 151 
ORN H2   H N N 152 
ORN HA   H N N 153 
ORN HB2  H N N 154 
ORN HB3  H N N 155 
ORN HG2  H N N 156 
ORN HG3  H N N 157 
ORN HD2  H N N 158 
ORN HD3  H N N 159 
ORN HE1  H N N 160 
ORN HE2  H N N 161 
ORN HXT  H N N 162 
PHE N    N N N 163 
PHE CA   C N S 164 
PHE C    C N N 165 
PHE O    O N N 166 
PHE CB   C N N 167 
PHE CG   C Y N 168 
PHE CD1  C Y N 169 
PHE CD2  C Y N 170 
PHE CE1  C Y N 171 
PHE CE2  C Y N 172 
PHE CZ   C Y N 173 
PHE OXT  O N N 174 
PHE H    H N N 175 
PHE H2   H N N 176 
PHE HA   H N N 177 
PHE HB2  H N N 178 
PHE HB3  H N N 179 
PHE HD1  H N N 180 
PHE HD2  H N N 181 
PHE HE1  H N N 182 
PHE HE2  H N N 183 
PHE HZ   H N N 184 
PHE HXT  H N N 185 
VAL N    N N N 186 
VAL CA   C N S 187 
VAL C    C N N 188 
VAL O    O N N 189 
VAL CB   C N N 190 
VAL CG1  C N N 191 
VAL CG2  C N N 192 
VAL OXT  O N N 193 
VAL H    H N N 194 
VAL H2   H N N 195 
VAL HA   H N N 196 
VAL HB   H N N 197 
VAL HG11 H N N 198 
VAL HG12 H N N 199 
VAL HG13 H N N 200 
VAL HG21 H N N 201 
VAL HG22 H N N 202 
VAL HG23 H N N 203 
VAL HXT  H N N 204 
# 
loop_
_chem_comp_bond.comp_id 
_chem_comp_bond.atom_id_1 
_chem_comp_bond.atom_id_2 
_chem_comp_bond.value_order 
_chem_comp_bond.pdbx_aromatic_flag 
_chem_comp_bond.pdbx_stereo_config 
_chem_comp_bond.pdbx_ordinal 
ALA N   CA   sing N N 1   
ALA N   H    sing N N 2   
ALA N   H2   sing N N 3   
ALA CA  C    sing N N 4   
ALA CA  CB   sing N N 5   
ALA CA  HA   sing N N 6   
ALA C   O    doub N N 7   
ALA C   OXT  sing N N 8   
ALA CB  HB1  sing N N 9   
ALA CB  HB2  sing N N 10  
ALA CB  HB3  sing N N 11  
ALA OXT HXT  sing N N 12  
GLY N   CA   sing N N 13  
GLY N   H    sing N N 14  
GLY N   H2   sing N N 15  
GLY CA  C    sing N N 16  
GLY CA  HA2  sing N N 17  
GLY CA  HA3  sing N N 18  
GLY C   O    doub N N 19  
GLY C   OXT  sing N N 20  
GLY OXT HXT  sing N N 21  
HOH O   H1   sing N N 22  
HOH O   H2   sing N N 23  
ILE N   CA   sing N N 24  
ILE N   H    sing N N 25  
ILE N   H2   sing N N 26  
ILE CA  C    sing N N 27  
ILE CA  CB   sing N N 28  
ILE CA  HA   sing N N 29  
ILE C   O    doub N N 30  
ILE C   OXT  sing N N 31  
ILE CB  CG1  sing N N 32  
ILE CB  CG2  sing N N 33  
ILE CB  HB   sing N N 34  
ILE CG1 CD1  sing N N 35  
ILE CG1 HG12 sing N N 36  
ILE CG1 HG13 sing N N 37  
ILE CG2 HG21 sing N N 38  
ILE CG2 HG22 sing N N 39  
ILE CG2 HG23 sing N N 40  
ILE CD1 HD11 sing N N 41  
ILE CD1 HD12 sing N N 42  
ILE CD1 HD13 sing N N 43  
ILE OXT HXT  sing N N 44  
LEU N   CA   sing N N 45  
LEU N   H    sing N N 46  
LEU N   H2   sing N N 47  
LEU CA  C    sing N N 48  
LEU CA  CB   sing N N 49  
LEU CA  HA   sing N N 50  
LEU C   O    doub N N 51  
LEU C   OXT  sing N N 52  
LEU CB  CG   sing N N 53  
LEU CB  HB2  sing N N 54  
LEU CB  HB3  sing N N 55  
LEU CG  CD1  sing N N 56  
LEU CG  CD2  sing N N 57  
LEU CG  HG   sing N N 58  
LEU CD1 HD11 sing N N 59  
LEU CD1 HD12 sing N N 60  
LEU CD1 HD13 sing N N 61  
LEU CD2 HD21 sing N N 62  
LEU CD2 HD22 sing N N 63  
LEU CD2 HD23 sing N N 64  
LEU OXT HXT  sing N N 65  
LYS N   CA   sing N N 66  
LYS N   H    sing N N 67  
LYS N   H2   sing N N 68  
LYS CA  C    sing N N 69  
LYS CA  CB   sing N N 70  
LYS CA  HA   sing N N 71  
LYS C   O    doub N N 72  
LYS C   OXT  sing N N 73  
LYS CB  CG   sing N N 74  
LYS CB  HB2  sing N N 75  
LYS CB  HB3  sing N N 76  
LYS CG  CD   sing N N 77  
LYS CG  HG2  sing N N 78  
LYS CG  HG3  sing N N 79  
LYS CD  CE   sing N N 80  
LYS CD  HD2  sing N N 81  
LYS CD  HD3  sing N N 82  
LYS CE  NZ   sing N N 83  
LYS CE  HE2  sing N N 84  
LYS CE  HE3  sing N N 85  
LYS NZ  HZ1  sing N N 86  
LYS NZ  HZ2  sing N N 87  
LYS NZ  HZ3  sing N N 88  
LYS OXT HXT  sing N N 89  
MEA C1  N    sing N N 90  
MEA C1  HC1  sing N N 91  
MEA C1  HC2  sing N N 92  
MEA C1  HC3  sing N N 93  
MEA N   CA   sing N N 94  
MEA N   H    sing N N 95  
MEA CA  C    sing N N 96  
MEA CA  CB   sing N N 97  
MEA CA  HA   sing N N 98  
MEA C   O    doub N N 99  
MEA C   OXT  sing N N 100 
MEA CB  CG   sing N N 101 
MEA CB  HB1  sing N N 102 
MEA CB  HB2  sing N N 103 
MEA CG  CD1  doub Y N 104 
MEA CG  CD2  sing Y N 105 
MEA CD1 CE1  sing Y N 106 
MEA CD1 HD1  sing N N 107 
MEA CE1 CZ   doub Y N 108 
MEA CE1 HE1  sing N N 109 
MEA CZ  CE2  sing Y N 110 
MEA CZ  HZ   sing N N 111 
MEA CE2 CD2  doub Y N 112 
MEA CE2 HE2  sing N N 113 
MEA CD2 HD2  sing N N 114 
MEA OXT HXT  sing N N 115 
MET N   CA   sing N N 116 
MET N   H    sing N N 117 
MET N   H2   sing N N 118 
MET CA  C    sing N N 119 
MET CA  CB   sing N N 120 
MET CA  HA   sing N N 121 
MET C   O    doub N N 122 
MET C   OXT  sing N N 123 
MET CB  CG   sing N N 124 
MET CB  HB2  sing N N 125 
MET CB  HB3  sing N N 126 
MET CG  SD   sing N N 127 
MET CG  HG2  sing N N 128 
MET CG  HG3  sing N N 129 
MET SD  CE   sing N N 130 
MET CE  HE1  sing N N 131 
MET CE  HE2  sing N N 132 
MET CE  HE3  sing N N 133 
MET OXT HXT  sing N N 134 
ORN N   CA   sing N N 135 
ORN N   H    sing N N 136 
ORN N   H2   sing N N 137 
ORN CA  CB   sing N N 138 
ORN CA  C    sing N N 139 
ORN CA  HA   sing N N 140 
ORN CB  CG   sing N N 141 
ORN CB  HB2  sing N N 142 
ORN CB  HB3  sing N N 143 
ORN CG  CD   sing N N 144 
ORN CG  HG2  sing N N 145 
ORN CG  HG3  sing N N 146 
ORN CD  NE   sing N N 147 
ORN CD  HD2  sing N N 148 
ORN CD  HD3  sing N N 149 
ORN NE  HE1  sing N N 150 
ORN NE  HE2  sing N N 151 
ORN C   O    doub N N 152 
ORN C   OXT  sing N N 153 
ORN OXT HXT  sing N N 154 
PHE N   CA   sing N N 155 
PHE N   H    sing N N 156 
PHE N   H2   sing N N 157 
PHE CA  C    sing N N 158 
PHE CA  CB   sing N N 159 
PHE CA  HA   sing N N 160 
PHE C   O    doub N N 161 
PHE C   OXT  sing N N 162 
PHE CB  CG   sing N N 163 
PHE CB  HB2  sing N N 164 
PHE CB  HB3  sing N N 165 
PHE CG  CD1  doub Y N 166 
PHE CG  CD2  sing Y N 167 
PHE CD1 CE1  sing Y N 168 
PHE CD1 HD1  sing N N 169 
PHE CD2 CE2  doub Y N 170 
PHE CD2 HD2  sing N N 171 
PHE CE1 CZ   doub Y N 172 
PHE CE1 HE1  sing N N 173 
PHE CE2 CZ   sing Y N 174 
PHE CE2 HE2  sing N N 175 
PHE CZ  HZ   sing N N 176 
PHE OXT HXT  sing N N 177 
VAL N   CA   sing N N 178 
VAL N   H    sing N N 179 
VAL N   H2   sing N N 180 
VAL CA  C    sing N N 181 
VAL CA  CB   sing N N 182 
VAL CA  HA   sing N N 183 
VAL C   O    doub N N 184 
VAL C   OXT  sing N N 185 
VAL CB  CG1  sing N N 186 
VAL CB  CG2  sing N N 187 
VAL CB  HB   sing N N 188 
VAL CG1 HG11 sing N N 189 
VAL CG1 HG12 sing N N 190 
VAL CG1 HG13 sing N N 191 
VAL CG2 HG21 sing N N 192 
VAL CG2 HG22 sing N N 193 
VAL CG2 HG23 sing N N 194 
VAL OXT HXT  sing N N 195 
# 
_pdbx_audit_support.funding_organization   
'National Institutes of Health/National Institute of General Medical Sciences (NIH/NIGMS)' 
_pdbx_audit_support.country                'United States' 
_pdbx_audit_support.grant_number           GM097562 
_pdbx_audit_support.ordinal                1 
# 
_pdbx_entity_nonpoly.entity_id   2 
_pdbx_entity_nonpoly.name        water 
_pdbx_entity_nonpoly.comp_id     HOH 
# 
_pdbx_initial_refinement_model.id               1 
_pdbx_initial_refinement_model.entity_id_list   ? 
_pdbx_initial_refinement_model.type             'experimental model' 
_pdbx_initial_refinement_model.source_name      PDB 
_pdbx_initial_refinement_model.accession_code   7JQR 
_pdbx_initial_refinement_model.details          ? 
# 
_pdbx_struct_assembly_auth_evidence.id                     1 
_pdbx_struct_assembly_auth_evidence.assembly_id            1 
_pdbx_struct_assembly_auth_evidence.experimental_support   none 
_pdbx_struct_assembly_auth_evidence.details                ? 
# 
